data_9EXS
#
_entry.id   9EXS
#
loop_
_entity.id
_entity.type
_entity.pdbx_description
1 polymer 'Decapping nuclease'
2 polymer "5'-3' exoribonuclease"
3 non-polymer 'MAGNESIUM ION'
#
loop_
_entity_poly.entity_id
_entity_poly.type
_entity_poly.pdbx_seq_one_letter_code
_entity_poly.pdbx_strand_id
1 'polypeptide(L)'
;MPIEFTIQPPDHYAGVNEPVKRPREFTCFSYDRERRFHLGDRSLKWFYPAYIPSDLSRGYQNWQRHDDSIDEHLDGLLAA
IADYEKQTGKPIDAHVTTWRGMMTKIMATPYDQEEWEMNATFYRGCIFIEENHAFARRKKMMESSRPARSDGISPNLMQY
WGYKFETLSTIPRPWGEVSRDEIESRDDEIVNNMEQYCSVVRTGFGNTIVCLGGEVDAIWDAKPETPGEPINWVELKTSR
MITNTGIQTAFDQKLLKYWIQSFLLGVPRIIVGFRDQDGILRSMEEYETLNIPYEVRRRGLAKWDGNVCIRFAALFLQWL
RLNITEEGVWRIRRPFRGSRIELTKIEQVGHGAIITEEFMNWRIKLDLQKAKQQALEEGKQDQGEEGQKAAAPAAA
;
A
2 'polypeptide(L)'
;MGIPAAFRWLSNKYPKIISPVVEERPIVMPDGTEIPVDATRPNPNGEEFDNLYLDMNGIVHPCSHPEDKPAPKDEEEMMI
EIFKYTDRIVKMVRPRKILMIAVDGVAPRAKMNQQRSRRFRAAQEAKEKEEEKKQLLKMLRKEKGSNMQEEPLETVVKKA
FDSNSITPGTPFMDILAASLRYWCAYKLNTDPAWAKLKVIISDATVPGEGEHKIMEFIRSQRSSPEHNPNTRHVIYGLDA
DLIMLGLATHEPHFRVLREDVFFQEAKARLCKLCGQKGHDERSCKGEAKQKQGEFDEKDHAQPLKPFIWLHVSILREYLA
AELEVPNLPFRWDLERAIDDWVFLCFFVGNDFLPHLPALEIRENGIDTLTAIWKDNLPIMGGYLTKDGHVDLERAQYILN
GLAKQEDAIFRRRREVEERREANAKRRKLNQQGAHAKGAADSHAGKSGRKHVPEAAGPLPGMALFPITNPPPPAITHDMV
MKGRSVDQANLANKSAASVLKSQIQSMMAQKAATNANGAEKDVSADGTTTAPASALGKRKAELIEEDAATNTDTDSVTDG
TGSDNEGPVDTVRLWEEGYADRYYEQKFKVDPKDIEFRHKVGRAYAEGLAWVLQYYYQGCPSWEWFYPYHYAPFAADFVD
LAKMEIKFEKGRISRPFEQLMSVLPAASRHAIPEVYHDLMTDPNSPIIDFYPEEFEIDLNGKKMAWQGVALLPFIEMPRL
LAAMKEREHLLSEEDRARNEPGFDVLLISDAHPGLYEDITSHFYSKKQGAPKFKLNPRRSDGLAGKVEKIEGYVPHGSLV
YPLARNSMPDVDYDRSITVRYIMPSSAHQHKSMLLRGVKLPPPALSRSDIEIIRSKAKNAGRSYGGAPLRNNYNSNGSRR
EQPINYAANAPSALPSRNYGSYPGNYGGANNYGNGYGSGYYPPPGWQPPPPGYPGFGVGVPPPPPPARLAGTPGGYGQGY
GQGYGQGYNQSYGTGYGSGYSSSYQQSAPDRYRPAPAPPPPSTHGYHSGYQSQQSYQGQHHRAGPPLPPSSNNTRRDGRY
DDRRGYDDRRDARRDNNPYRDERRYR
;
B
#
loop_
_chem_comp.id
_chem_comp.type
_chem_comp.name
_chem_comp.formula
MG non-polymer 'MAGNESIUM ION' 'Mg 2'
#
# COMPACT_ATOMS: atom_id res chain seq x y z
N MET A 1 54.84 -36.46 10.63
CA MET A 1 53.64 -36.53 11.48
C MET A 1 52.47 -35.79 10.83
N PRO A 2 51.22 -36.25 11.01
CA PRO A 2 50.03 -35.47 10.67
C PRO A 2 49.87 -34.30 11.64
N ILE A 3 49.10 -33.28 11.23
CA ILE A 3 48.82 -32.09 12.02
C ILE A 3 47.35 -32.13 12.45
N GLU A 4 47.07 -31.84 13.72
CA GLU A 4 45.72 -32.02 14.30
C GLU A 4 45.28 -30.87 15.20
N PHE A 5 43.99 -30.51 15.14
CA PHE A 5 43.36 -29.54 16.04
C PHE A 5 42.31 -30.25 16.89
N THR A 6 42.43 -30.18 18.21
CA THR A 6 41.53 -30.91 19.12
C THR A 6 40.22 -30.14 19.34
N ILE A 7 39.10 -30.78 19.09
CA ILE A 7 37.77 -30.23 19.35
C ILE A 7 37.42 -30.53 20.82
N GLN A 8 37.55 -29.52 21.68
CA GLN A 8 37.15 -29.65 23.09
C GLN A 8 35.61 -29.66 23.24
N PRO A 9 35.06 -30.14 24.36
CA PRO A 9 33.65 -29.93 24.69
C PRO A 9 33.28 -28.44 24.70
N PRO A 10 32.02 -28.06 24.42
CA PRO A 10 31.57 -26.66 24.39
C PRO A 10 31.95 -25.85 25.62
N ASP A 11 31.93 -26.49 26.79
CA ASP A 11 32.30 -25.91 28.09
C ASP A 11 33.69 -25.26 28.08
N HIS A 12 34.63 -25.76 27.27
CA HIS A 12 35.99 -25.25 27.19
C HIS A 12 36.06 -23.85 26.55
N TYR A 13 35.23 -23.60 25.52
CA TYR A 13 35.22 -22.33 24.79
C TYR A 13 34.25 -21.30 25.38
N ALA A 14 33.22 -21.77 26.09
CA ALA A 14 32.08 -20.97 26.53
C ALA A 14 32.42 -19.79 27.45
N GLY A 15 31.50 -18.84 27.55
CA GLY A 15 31.54 -17.71 28.49
C GLY A 15 32.39 -16.51 28.05
N VAL A 16 33.04 -16.59 26.88
CA VAL A 16 33.83 -15.48 26.33
C VAL A 16 33.15 -14.93 25.07
N ASN A 17 32.80 -13.64 25.10
CA ASN A 17 32.05 -12.98 24.04
C ASN A 17 32.99 -12.44 22.96
N GLU A 18 33.57 -13.32 22.15
CA GLU A 18 34.49 -12.92 21.07
C GLU A 18 33.81 -11.97 20.06
N PRO A 19 34.43 -10.84 19.69
CA PRO A 19 33.76 -9.80 18.90
C PRO A 19 33.63 -10.17 17.42
N VAL A 20 32.46 -9.89 16.84
CA VAL A 20 32.16 -10.07 15.41
C VAL A 20 31.97 -8.72 14.74
N LYS A 21 32.72 -8.46 13.67
CA LYS A 21 32.58 -7.22 12.88
C LYS A 21 31.44 -7.37 11.89
N ARG A 22 30.34 -6.62 12.08
CA ARG A 22 29.04 -6.80 11.41
C ARG A 22 29.19 -7.01 9.90
N PRO A 23 28.54 -8.01 9.29
CA PRO A 23 28.61 -8.27 7.87
C PRO A 23 28.20 -7.07 7.02
N ARG A 24 29.03 -6.71 6.03
CA ARG A 24 28.68 -5.73 4.98
C ARG A 24 28.68 -6.39 3.62
N GLU A 25 27.58 -6.32 2.87
CA GLU A 25 27.65 -6.63 1.44
C GLU A 25 28.51 -5.58 0.74
N PHE A 26 29.45 -5.99 -0.10
CA PHE A 26 30.24 -5.03 -0.89
C PHE A 26 30.33 -5.36 -2.37
N THR A 27 29.89 -6.55 -2.79
CA THR A 27 29.70 -6.93 -4.19
C THR A 27 28.67 -8.06 -4.27
N CYS A 28 28.01 -8.24 -5.41
CA CYS A 28 26.98 -9.26 -5.57
C CYS A 28 26.87 -9.73 -7.01
N PHE A 29 26.39 -10.96 -7.21
CA PHE A 29 26.28 -11.54 -8.54
C PHE A 29 25.11 -12.52 -8.65
N SER A 30 24.68 -12.75 -9.87
CA SER A 30 23.50 -13.53 -10.22
C SER A 30 23.87 -14.71 -11.10
N TYR A 31 23.16 -15.82 -10.94
CA TYR A 31 23.01 -16.83 -11.96
C TYR A 31 21.58 -16.78 -12.51
N ASP A 32 21.41 -16.84 -13.83
CA ASP A 32 20.09 -16.99 -14.47
C ASP A 32 19.68 -18.46 -14.60
N ARG A 33 18.49 -18.72 -15.16
CA ARG A 33 17.91 -20.08 -15.26
C ARG A 33 18.74 -21.05 -16.09
N GLU A 34 19.64 -20.54 -16.91
CA GLU A 34 20.53 -21.31 -17.78
C GLU A 34 21.97 -21.32 -17.26
N ARG A 35 22.19 -20.87 -16.01
CA ARG A 35 23.47 -20.87 -15.30
C ARG A 35 24.56 -20.03 -15.96
N ARG A 36 24.22 -18.95 -16.66
CA ARG A 36 25.21 -17.91 -16.98
C ARG A 36 25.46 -17.00 -15.78
N PHE A 37 26.71 -16.68 -15.52
CA PHE A 37 27.12 -15.73 -14.48
C PHE A 37 26.91 -14.29 -14.93
N HIS A 38 26.32 -13.44 -14.10
CA HIS A 38 26.18 -12.00 -14.34
C HIS A 38 26.48 -11.21 -13.08
N LEU A 39 27.24 -10.12 -13.17
CA LEU A 39 27.43 -9.22 -12.02
C LEU A 39 26.14 -8.48 -11.68
N GLY A 40 25.97 -8.14 -10.40
CA GLY A 40 24.78 -7.43 -9.91
C GLY A 40 23.60 -8.34 -9.57
N ASP A 41 22.47 -7.71 -9.29
CA ASP A 41 21.33 -8.29 -8.57
C ASP A 41 20.16 -8.76 -9.47
N ARG A 42 20.40 -8.98 -10.76
CA ARG A 42 19.32 -9.28 -11.71
C ARG A 42 18.46 -10.50 -11.34
N SER A 43 19.01 -11.47 -10.61
CA SER A 43 18.27 -12.66 -10.15
C SER A 43 17.69 -12.53 -8.74
N LEU A 44 17.79 -11.38 -8.07
CA LEU A 44 17.14 -11.18 -6.78
C LEU A 44 15.62 -11.16 -6.91
N LYS A 45 14.90 -11.67 -5.91
CA LYS A 45 13.43 -11.71 -5.87
C LYS A 45 12.88 -11.06 -4.62
N TRP A 46 11.68 -10.50 -4.70
CA TRP A 46 10.99 -9.95 -3.54
C TRP A 46 10.07 -10.99 -2.91
N PHE A 47 10.00 -11.02 -1.59
CA PHE A 47 9.11 -11.93 -0.87
C PHE A 47 7.65 -11.53 -1.05
N TYR A 48 6.75 -12.49 -1.24
CA TYR A 48 5.31 -12.30 -1.12
C TYR A 48 4.62 -13.66 -0.90
N PRO A 49 3.83 -13.85 0.16
CA PRO A 49 3.53 -15.17 0.73
C PRO A 49 2.71 -16.08 -0.18
N ALA A 50 2.77 -17.39 0.09
CA ALA A 50 2.03 -18.41 -0.63
C ALA A 50 0.55 -18.48 -0.22
N TYR A 51 -0.28 -19.15 -1.02
CA TYR A 51 -1.60 -19.57 -0.56
C TYR A 51 -1.46 -20.72 0.42
N ILE A 52 -2.05 -20.59 1.62
CA ILE A 52 -1.71 -21.43 2.77
C ILE A 52 -1.87 -22.93 2.47
N PRO A 53 -3.06 -23.45 2.09
CA PRO A 53 -3.19 -24.82 1.62
C PRO A 53 -2.76 -24.94 0.15
N SER A 54 -1.58 -25.51 -0.11
CA SER A 54 -1.14 -25.91 -1.46
C SER A 54 -0.23 -27.15 -1.39
N ASP A 55 -0.18 -27.92 -2.47
CA ASP A 55 0.52 -29.20 -2.54
C ASP A 55 1.96 -29.03 -3.00
N LEU A 56 2.95 -29.20 -2.11
CA LEU A 56 4.35 -29.06 -2.49
C LEU A 56 4.82 -30.15 -3.45
N SER A 57 4.14 -31.29 -3.55
CA SER A 57 4.53 -32.33 -4.50
C SER A 57 4.13 -32.02 -5.95
N ARG A 58 3.30 -30.99 -6.17
CA ARG A 58 2.77 -30.62 -7.49
C ARG A 58 3.88 -30.15 -8.43
N GLY A 59 4.02 -30.80 -9.58
CA GLY A 59 4.99 -30.44 -10.61
C GLY A 59 6.35 -31.14 -10.50
N TYR A 60 6.51 -32.09 -9.58
CA TYR A 60 7.79 -32.77 -9.31
C TYR A 60 8.47 -33.36 -10.56
N GLN A 61 7.71 -33.85 -11.54
CA GLN A 61 8.27 -34.44 -12.76
C GLN A 61 8.96 -33.42 -13.68
N ASN A 62 8.68 -32.12 -13.53
CA ASN A 62 9.16 -31.08 -14.45
C ASN A 62 10.36 -30.27 -13.90
N TRP A 63 10.79 -30.55 -12.67
CA TRP A 63 11.81 -29.80 -11.94
C TRP A 63 13.14 -29.70 -12.73
N GLN A 64 13.55 -28.48 -13.07
CA GLN A 64 14.87 -28.23 -13.63
C GLN A 64 15.92 -28.21 -12.50
N ARG A 65 16.88 -29.14 -12.55
CA ARG A 65 17.95 -29.28 -11.54
C ARG A 65 19.29 -28.76 -12.02
N HIS A 66 19.98 -28.00 -11.16
CA HIS A 66 21.43 -27.82 -11.22
C HIS A 66 22.12 -29.17 -10.99
N ASP A 67 23.00 -29.58 -11.91
CA ASP A 67 23.66 -30.89 -11.84
C ASP A 67 24.89 -30.83 -10.94
N ASP A 68 24.78 -31.33 -9.70
CA ASP A 68 25.85 -31.25 -8.71
C ASP A 68 27.08 -32.12 -9.04
N SER A 69 27.06 -32.92 -10.11
CA SER A 69 28.29 -33.52 -10.65
C SER A 69 29.24 -32.48 -11.26
N ILE A 70 28.72 -31.32 -11.68
CA ILE A 70 29.52 -30.18 -12.10
C ILE A 70 30.16 -29.55 -10.85
N ASP A 71 31.45 -29.24 -10.91
CA ASP A 71 32.15 -28.55 -9.83
C ASP A 71 32.50 -27.11 -10.23
N GLU A 72 31.95 -26.12 -9.50
CA GLU A 72 32.17 -24.69 -9.76
C GLU A 72 33.27 -24.07 -8.87
N HIS A 73 33.87 -24.85 -7.96
CA HIS A 73 34.89 -24.37 -7.02
C HIS A 73 34.49 -23.06 -6.31
N LEU A 74 35.23 -21.97 -6.52
CA LEU A 74 34.95 -20.62 -6.00
C LEU A 74 34.58 -19.60 -7.10
N ASP A 75 34.39 -20.03 -8.35
CA ASP A 75 34.54 -19.18 -9.54
C ASP A 75 33.79 -17.85 -9.46
N GLY A 76 32.51 -17.87 -9.12
CA GLY A 76 31.71 -16.66 -9.04
C GLY A 76 32.17 -15.69 -7.94
N LEU A 77 32.55 -16.24 -6.78
CA LEU A 77 33.02 -15.45 -5.65
C LEU A 77 34.32 -14.72 -5.99
N LEU A 78 35.30 -15.42 -6.55
CA LEU A 78 36.56 -14.80 -6.99
C LEU A 78 36.29 -13.73 -8.06
N ALA A 79 35.43 -14.00 -9.02
CA ALA A 79 35.09 -13.04 -10.06
C ALA A 79 34.45 -11.78 -9.49
N ALA A 80 33.47 -11.92 -8.60
CA ALA A 80 32.77 -10.78 -8.01
C ALA A 80 33.69 -9.91 -7.14
N ILE A 81 34.63 -10.52 -6.42
CA ILE A 81 35.66 -9.79 -5.67
C ILE A 81 36.61 -9.08 -6.62
N ALA A 82 37.09 -9.75 -7.67
CA ALA A 82 38.01 -9.14 -8.62
C ALA A 82 37.41 -7.90 -9.28
N ASP A 83 36.10 -7.89 -9.55
CA ASP A 83 35.44 -6.66 -10.03
C ASP A 83 35.47 -5.53 -8.99
N TYR A 84 35.18 -5.82 -7.71
CA TYR A 84 35.26 -4.79 -6.67
C TYR A 84 36.67 -4.23 -6.51
N GLU A 85 37.71 -5.08 -6.58
CA GLU A 85 39.09 -4.62 -6.56
C GLU A 85 39.41 -3.74 -7.78
N LYS A 86 38.94 -4.10 -8.99
CA LYS A 86 39.08 -3.25 -10.18
C LYS A 86 38.36 -1.91 -10.02
N GLN A 87 37.17 -1.89 -9.44
CA GLN A 87 36.42 -0.66 -9.21
C GLN A 87 37.05 0.25 -8.15
N THR A 88 37.67 -0.31 -7.11
CA THR A 88 38.26 0.46 -5.99
C THR A 88 39.74 0.77 -6.15
N GLY A 89 40.48 0.03 -6.98
CA GLY A 89 41.92 0.24 -7.18
C GLY A 89 42.80 -0.26 -6.02
N LYS A 90 42.26 -1.13 -5.14
CA LYS A 90 42.96 -1.70 -3.98
C LYS A 90 42.58 -3.17 -3.79
N PRO A 91 43.45 -3.99 -3.16
CA PRO A 91 43.05 -5.33 -2.74
C PRO A 91 42.04 -5.22 -1.58
N ILE A 92 41.14 -6.20 -1.43
CA ILE A 92 40.32 -6.26 -0.21
C ILE A 92 41.20 -6.55 1.03
N ASP A 93 40.75 -6.09 2.20
CA ASP A 93 41.49 -6.28 3.45
C ASP A 93 41.26 -7.65 4.10
N ALA A 94 40.26 -8.42 3.66
CA ALA A 94 40.07 -9.79 4.10
C ALA A 94 41.19 -10.72 3.57
N HIS A 95 41.68 -11.61 4.42
CA HIS A 95 42.76 -12.55 4.07
C HIS A 95 42.32 -14.02 4.10
N VAL A 96 41.07 -14.31 4.42
CA VAL A 96 40.47 -15.65 4.25
C VAL A 96 39.20 -15.51 3.40
N THR A 97 39.05 -16.34 2.37
CA THR A 97 37.92 -16.29 1.44
C THR A 97 37.26 -17.66 1.29
N THR A 98 35.94 -17.76 1.41
CA THR A 98 35.24 -19.05 1.34
C THR A 98 33.75 -18.92 1.02
N TRP A 99 33.14 -19.99 0.55
CA TRP A 99 31.69 -20.16 0.64
C TRP A 99 31.23 -20.30 2.09
N ARG A 100 30.05 -19.78 2.39
CA ARG A 100 29.40 -19.87 3.70
C ARG A 100 29.29 -21.30 4.22
N GLY A 101 29.04 -22.27 3.35
CA GLY A 101 28.84 -23.66 3.78
C GLY A 101 29.99 -24.21 4.62
N MET A 102 31.24 -23.87 4.27
CA MET A 102 32.40 -24.33 5.03
C MET A 102 32.46 -23.65 6.38
N MET A 103 32.13 -22.36 6.42
CA MET A 103 32.04 -21.58 7.64
C MET A 103 30.99 -22.15 8.60
N THR A 104 29.83 -22.56 8.06
CA THR A 104 28.80 -23.25 8.84
C THR A 104 29.32 -24.56 9.41
N LYS A 105 29.93 -25.43 8.60
CA LYS A 105 30.46 -26.72 9.07
C LYS A 105 31.51 -26.52 10.17
N ILE A 106 32.41 -25.55 10.01
CA ILE A 106 33.37 -25.20 11.05
C ILE A 106 32.61 -24.76 12.31
N MET A 107 31.72 -23.77 12.21
CA MET A 107 31.01 -23.26 13.38
C MET A 107 30.12 -24.30 14.08
N ALA A 108 29.58 -25.27 13.34
CA ALA A 108 28.80 -26.35 13.92
C ALA A 108 29.65 -27.44 14.59
N THR A 109 30.93 -27.54 14.26
CA THR A 109 31.80 -28.66 14.65
C THR A 109 31.82 -28.99 16.14
N PRO A 110 31.80 -28.02 17.08
CA PRO A 110 31.68 -28.31 18.52
C PRO A 110 30.46 -29.12 18.92
N TYR A 111 29.37 -29.09 18.15
CA TYR A 111 28.10 -29.77 18.48
C TYR A 111 27.76 -30.92 17.54
N ASP A 112 27.99 -30.75 16.23
CA ASP A 112 27.65 -31.74 15.22
C ASP A 112 28.64 -32.92 15.18
N GLN A 113 28.14 -34.15 15.12
CA GLN A 113 28.96 -35.37 15.00
C GLN A 113 29.33 -35.75 13.56
N GLU A 114 28.67 -35.17 12.55
CA GLU A 114 28.86 -35.55 11.14
C GLU A 114 30.29 -35.30 10.63
N GLU A 115 30.75 -36.15 9.71
CA GLU A 115 32.04 -35.95 9.04
C GLU A 115 31.95 -34.99 7.86
N TRP A 116 33.02 -34.25 7.65
CA TRP A 116 33.17 -33.30 6.55
C TRP A 116 34.63 -33.19 6.12
N GLU A 117 34.85 -32.81 4.87
CA GLU A 117 36.18 -32.80 4.27
C GLU A 117 36.33 -31.64 3.28
N MET A 118 37.49 -31.00 3.28
CA MET A 118 37.72 -29.74 2.58
C MET A 118 39.13 -29.69 1.98
N ASN A 119 39.26 -28.93 0.91
CA ASN A 119 40.55 -28.58 0.32
C ASN A 119 40.78 -27.08 0.55
N ALA A 120 42.02 -26.70 0.86
CA ALA A 120 42.39 -25.31 1.12
C ALA A 120 43.73 -24.97 0.48
N THR A 121 43.96 -23.70 0.17
CA THR A 121 45.20 -23.24 -0.44
C THR A 121 45.53 -21.81 -0.02
N PHE A 122 46.80 -21.45 -0.14
CA PHE A 122 47.35 -20.17 0.26
C PHE A 122 48.03 -19.50 -0.93
N TYR A 123 47.86 -18.20 -1.08
CA TYR A 123 48.47 -17.42 -2.14
C TYR A 123 48.60 -15.96 -1.72
N ARG A 124 49.81 -15.39 -1.84
CA ARG A 124 50.13 -13.98 -1.53
C ARG A 124 49.56 -13.54 -0.16
N GLY A 125 49.81 -14.34 0.87
CA GLY A 125 49.37 -14.07 2.24
C GLY A 125 47.90 -14.33 2.54
N CYS A 126 47.12 -14.80 1.57
CA CYS A 126 45.67 -15.00 1.66
C CYS A 126 45.31 -16.48 1.51
N ILE A 127 44.24 -16.93 2.17
CA ILE A 127 43.80 -18.33 2.23
C ILE A 127 42.40 -18.51 1.62
N PHE A 128 42.22 -19.62 0.92
CA PHE A 128 41.00 -19.98 0.20
C PHE A 128 40.60 -21.41 0.54
N ILE A 129 39.30 -21.66 0.74
CA ILE A 129 38.77 -22.94 1.26
C ILE A 129 37.57 -23.41 0.43
N GLU A 130 37.48 -24.71 0.14
CA GLU A 130 36.34 -25.35 -0.52
C GLU A 130 36.00 -26.73 0.06
N GLU A 131 34.78 -27.22 -0.13
CA GLU A 131 34.42 -28.62 0.16
C GLU A 131 35.12 -29.57 -0.81
N ASN A 132 35.56 -30.74 -0.36
CA ASN A 132 36.08 -31.75 -1.30
C ASN A 132 34.92 -32.39 -2.10
N HIS A 133 34.76 -31.98 -3.35
CA HIS A 133 33.65 -32.42 -4.22
C HIS A 133 33.58 -33.94 -4.37
N ALA A 134 34.72 -34.62 -4.47
CA ALA A 134 34.78 -36.08 -4.51
C ALA A 134 34.17 -36.72 -3.25
N PHE A 135 34.49 -36.21 -2.06
CA PHE A 135 33.88 -36.68 -0.81
C PHE A 135 32.37 -36.43 -0.79
N ALA A 136 31.92 -35.24 -1.20
CA ALA A 136 30.50 -34.90 -1.24
C ALA A 136 29.71 -35.85 -2.16
N ARG A 137 30.22 -36.07 -3.38
CA ARG A 137 29.61 -36.99 -4.36
C ARG A 137 29.61 -38.43 -3.84
N ARG A 138 30.71 -38.94 -3.27
CA ARG A 138 30.73 -40.29 -2.70
C ARG A 138 29.72 -40.44 -1.56
N LYS A 139 29.64 -39.47 -0.64
CA LYS A 139 28.64 -39.49 0.43
C LYS A 139 27.22 -39.51 -0.14
N LYS A 140 26.92 -38.70 -1.16
CA LYS A 140 25.58 -38.67 -1.78
C LYS A 140 25.26 -39.94 -2.56
N MET A 141 26.24 -40.60 -3.18
CA MET A 141 26.07 -41.96 -3.74
C MET A 141 25.73 -42.98 -2.64
N MET A 142 26.42 -42.94 -1.50
CA MET A 142 26.12 -43.84 -0.38
C MET A 142 24.74 -43.57 0.25
N GLU A 143 24.36 -42.30 0.45
CA GLU A 143 23.03 -41.93 0.95
C GLU A 143 21.91 -42.37 0.01
N SER A 144 22.07 -42.19 -1.31
CA SER A 144 21.10 -42.66 -2.31
C SER A 144 21.11 -44.18 -2.52
N SER A 145 22.12 -44.90 -2.01
CA SER A 145 22.17 -46.37 -2.00
C SER A 145 21.48 -47.01 -0.79
N ARG A 146 21.02 -46.24 0.20
CA ARG A 146 20.27 -46.73 1.37
C ARG A 146 18.88 -47.26 0.97
N PRO A 147 18.30 -48.23 1.70
CA PRO A 147 16.92 -48.66 1.50
C PRO A 147 15.92 -47.56 1.92
N ALA A 148 14.76 -47.52 1.28
CA ALA A 148 13.74 -46.50 1.54
C ALA A 148 13.08 -46.64 2.92
N ARG A 149 12.61 -45.52 3.49
CA ARG A 149 11.82 -45.48 4.73
C ARG A 149 10.41 -46.05 4.52
N SER A 150 9.76 -46.49 5.60
CA SER A 150 8.41 -47.08 5.58
C SER A 150 7.31 -46.11 5.11
N ASP A 151 7.52 -44.79 5.26
CA ASP A 151 6.64 -43.74 4.74
C ASP A 151 6.82 -43.49 3.22
N GLY A 152 7.85 -44.08 2.60
CA GLY A 152 8.18 -43.92 1.18
C GLY A 152 8.74 -42.56 0.76
N ILE A 153 9.03 -41.64 1.70
CA ILE A 153 9.49 -40.29 1.36
C ILE A 153 10.92 -40.33 0.79
N SER A 154 11.06 -40.01 -0.50
CA SER A 154 12.38 -39.88 -1.14
C SER A 154 13.09 -38.61 -0.64
N PRO A 155 14.40 -38.65 -0.33
CA PRO A 155 15.18 -37.44 -0.09
C PRO A 155 15.09 -36.42 -1.24
N ASN A 156 14.99 -36.89 -2.50
CA ASN A 156 14.79 -36.00 -3.63
C ASN A 156 13.44 -35.28 -3.55
N LEU A 157 12.39 -35.98 -3.13
CA LEU A 157 11.10 -35.36 -2.89
C LEU A 157 11.15 -34.37 -1.72
N MET A 158 11.88 -34.68 -0.64
CA MET A 158 12.13 -33.70 0.42
C MET A 158 12.83 -32.46 -0.13
N GLN A 159 13.80 -32.63 -1.03
CA GLN A 159 14.51 -31.50 -1.62
C GLN A 159 13.61 -30.70 -2.56
N TYR A 160 12.68 -31.31 -3.30
CA TYR A 160 11.71 -30.57 -4.09
C TYR A 160 10.71 -29.80 -3.22
N TRP A 161 10.25 -30.40 -2.12
CA TRP A 161 9.48 -29.68 -1.11
C TRP A 161 10.27 -28.56 -0.44
N GLY A 162 11.58 -28.48 -0.67
CA GLY A 162 12.36 -27.27 -0.48
C GLY A 162 12.03 -26.25 -1.55
N TYR A 163 12.56 -26.43 -2.76
CA TYR A 163 12.53 -25.38 -3.78
C TYR A 163 11.13 -24.96 -4.23
N LYS A 164 10.13 -25.85 -4.22
CA LYS A 164 8.76 -25.46 -4.58
C LYS A 164 8.24 -24.36 -3.67
N PHE A 165 8.52 -24.42 -2.38
CA PHE A 165 8.07 -23.41 -1.43
C PHE A 165 8.70 -22.04 -1.70
N GLU A 166 9.91 -21.98 -2.24
CA GLU A 166 10.52 -20.72 -2.64
C GLU A 166 9.80 -20.15 -3.86
N THR A 167 9.41 -20.96 -4.85
CA THR A 167 8.63 -20.49 -6.01
C THR A 167 7.21 -20.07 -5.63
N LEU A 168 6.58 -20.73 -4.66
CA LEU A 168 5.27 -20.28 -4.17
C LEU A 168 5.33 -18.96 -3.38
N SER A 169 6.51 -18.54 -2.90
CA SER A 169 6.63 -17.47 -1.89
C SER A 169 7.40 -16.24 -2.37
N THR A 170 7.58 -16.07 -3.68
CA THR A 170 8.38 -14.95 -4.23
C THR A 170 7.73 -14.34 -5.46
N ILE A 171 8.17 -13.13 -5.83
CA ILE A 171 7.76 -12.38 -7.03
C ILE A 171 8.95 -11.63 -7.65
N PRO A 172 8.98 -11.45 -8.97
CA PRO A 172 10.17 -10.98 -9.70
C PRO A 172 10.44 -9.48 -9.61
N ARG A 173 9.54 -8.69 -9.01
CA ARG A 173 9.62 -7.23 -8.80
C ARG A 173 8.92 -6.86 -7.50
N PRO A 174 9.15 -5.67 -6.93
CA PRO A 174 8.40 -5.22 -5.76
C PRO A 174 6.89 -5.31 -6.01
N TRP A 175 6.10 -5.52 -4.95
CA TRP A 175 4.67 -5.75 -5.07
C TRP A 175 3.92 -4.67 -5.86
N GLY A 176 4.42 -3.42 -5.85
CA GLY A 176 3.83 -2.31 -6.58
C GLY A 176 3.83 -2.46 -8.10
N GLU A 177 4.71 -3.29 -8.68
CA GLU A 177 4.91 -3.33 -10.13
C GLU A 177 4.38 -4.58 -10.83
N VAL A 178 4.17 -5.69 -10.11
CA VAL A 178 3.61 -6.92 -10.70
C VAL A 178 2.09 -6.85 -10.89
N SER A 179 1.57 -7.54 -11.90
CA SER A 179 0.12 -7.70 -12.10
C SER A 179 -0.50 -8.69 -11.11
N ARG A 180 -1.83 -8.71 -11.01
CA ARG A 180 -2.53 -9.73 -10.21
C ARG A 180 -2.29 -11.14 -10.71
N ASP A 181 -2.35 -11.37 -12.03
CA ASP A 181 -2.20 -12.71 -12.59
C ASP A 181 -0.80 -13.30 -12.30
N GLU A 182 0.24 -12.47 -12.26
CA GLU A 182 1.59 -12.90 -11.88
C GLU A 182 1.72 -13.32 -10.41
N ILE A 183 0.80 -12.93 -9.52
CA ILE A 183 0.77 -13.44 -8.14
C ILE A 183 -0.10 -14.70 -8.05
N GLU A 184 -1.29 -14.68 -8.64
CA GLU A 184 -2.25 -15.77 -8.47
C GLU A 184 -1.81 -17.07 -9.16
N SER A 185 -1.16 -16.98 -10.32
CA SER A 185 -0.83 -18.15 -11.14
C SER A 185 0.36 -18.99 -10.63
N ARG A 186 1.05 -18.58 -9.56
CA ARG A 186 2.35 -19.15 -9.17
C ARG A 186 2.34 -20.65 -8.85
N ASP A 187 1.22 -21.23 -8.42
CA ASP A 187 1.11 -22.69 -8.19
C ASP A 187 1.57 -23.50 -9.42
N ASP A 188 1.35 -22.98 -10.63
CA ASP A 188 1.62 -23.65 -11.90
C ASP A 188 2.94 -23.25 -12.58
N GLU A 189 3.81 -22.47 -11.95
CA GLU A 189 5.17 -22.24 -12.48
C GLU A 189 6.09 -23.46 -12.22
N ILE A 190 6.84 -23.88 -13.23
CA ILE A 190 7.81 -24.97 -13.12
C ILE A 190 9.08 -24.50 -12.41
N VAL A 191 9.50 -25.22 -11.37
CA VAL A 191 10.62 -24.84 -10.50
C VAL A 191 11.97 -25.02 -11.17
N ASN A 192 12.87 -24.05 -10.96
CA ASN A 192 14.27 -24.05 -11.36
C ASN A 192 15.12 -23.68 -10.15
N ASN A 193 16.26 -24.36 -9.94
CA ASN A 193 17.23 -24.00 -8.89
C ASN A 193 18.64 -23.68 -9.43
N MET A 194 18.82 -23.57 -10.74
CA MET A 194 20.05 -23.04 -11.33
C MET A 194 20.16 -21.52 -11.17
N GLU A 195 19.02 -20.83 -11.18
CA GLU A 195 18.88 -19.40 -10.95
C GLU A 195 19.10 -19.03 -9.48
N GLN A 196 20.05 -18.13 -9.17
CA GLN A 196 20.42 -17.74 -7.80
C GLN A 196 20.88 -16.29 -7.72
N TYR A 197 20.75 -15.67 -6.56
CA TYR A 197 21.47 -14.44 -6.20
C TYR A 197 22.48 -14.76 -5.12
N CYS A 198 23.76 -14.45 -5.36
CA CYS A 198 24.82 -14.63 -4.38
C CYS A 198 25.28 -13.26 -3.87
N SER A 199 25.29 -13.11 -2.55
CA SER A 199 25.78 -11.94 -1.85
C SER A 199 27.18 -12.22 -1.33
N VAL A 200 28.11 -11.28 -1.48
CA VAL A 200 29.47 -11.38 -0.93
C VAL A 200 29.61 -10.39 0.20
N VAL A 201 30.03 -10.86 1.38
CA VAL A 201 30.16 -10.01 2.57
C VAL A 201 31.57 -9.98 3.12
N ARG A 202 31.97 -8.81 3.62
CA ARG A 202 33.12 -8.65 4.49
C ARG A 202 32.67 -8.81 5.93
N THR A 203 33.41 -9.57 6.73
CA THR A 203 33.10 -9.87 8.13
C THR A 203 34.39 -10.19 8.88
N GLY A 204 34.38 -10.32 10.20
CA GLY A 204 35.58 -10.72 10.93
C GLY A 204 35.29 -11.22 12.33
N PHE A 205 36.10 -12.18 12.78
CA PHE A 205 36.02 -12.78 14.12
C PHE A 205 37.30 -12.44 14.89
N GLY A 206 37.18 -11.76 16.03
CA GLY A 206 38.36 -11.33 16.79
C GLY A 206 39.31 -10.50 15.92
N ASN A 207 40.55 -10.97 15.78
CA ASN A 207 41.61 -10.28 15.03
C ASN A 207 41.66 -10.59 13.52
N THR A 208 40.88 -11.55 13.02
CA THR A 208 40.92 -11.98 11.60
C THR A 208 39.71 -11.52 10.80
N ILE A 209 39.95 -10.95 9.62
CA ILE A 209 38.93 -10.43 8.71
C ILE A 209 38.79 -11.36 7.50
N VAL A 210 37.55 -11.71 7.19
CA VAL A 210 37.13 -12.81 6.32
C VAL A 210 36.13 -12.33 5.28
N CYS A 211 36.21 -12.85 4.06
CA CYS A 211 35.25 -12.59 3.01
C CYS A 211 34.43 -13.85 2.72
N LEU A 212 33.11 -13.79 2.87
CA LEU A 212 32.20 -14.92 2.66
C LEU A 212 31.34 -14.71 1.43
N GLY A 213 31.18 -15.74 0.61
CA GLY A 213 30.13 -15.78 -0.42
C GLY A 213 28.96 -16.65 0.03
N GLY A 214 27.73 -16.31 -0.33
CA GLY A 214 26.60 -17.21 -0.13
C GLY A 214 25.30 -16.82 -0.83
N GLU A 215 24.43 -17.81 -1.01
CA GLU A 215 23.09 -17.67 -1.57
C GLU A 215 22.15 -16.90 -0.62
N VAL A 216 21.32 -16.01 -1.15
CA VAL A 216 20.22 -15.36 -0.43
C VAL A 216 18.95 -15.44 -1.24
N ASP A 217 17.85 -15.91 -0.64
CA ASP A 217 16.64 -16.22 -1.41
C ASP A 217 15.89 -15.00 -1.91
N ALA A 218 15.65 -14.02 -1.05
CA ALA A 218 14.73 -12.93 -1.34
C ALA A 218 14.96 -11.71 -0.46
N ILE A 219 14.39 -10.57 -0.85
CA ILE A 219 14.45 -9.32 -0.11
C ILE A 219 13.04 -8.80 0.22
N TRP A 220 12.88 -8.12 1.35
CA TRP A 220 11.58 -7.67 1.85
C TRP A 220 11.11 -6.34 1.26
N ASP A 221 12.04 -5.50 0.82
CA ASP A 221 11.81 -4.16 0.26
C ASP A 221 12.98 -3.79 -0.68
N ALA A 222 13.29 -2.51 -0.92
CA ALA A 222 14.40 -2.14 -1.80
C ALA A 222 15.77 -2.20 -1.10
N LYS A 223 16.86 -2.37 -1.85
CA LYS A 223 18.22 -2.15 -1.31
C LYS A 223 18.35 -0.70 -0.78
N PRO A 224 19.17 -0.46 0.25
CA PRO A 224 19.31 0.86 0.86
C PRO A 224 19.99 1.86 -0.09
N GLU A 225 19.87 3.16 0.23
CA GLU A 225 20.38 4.24 -0.61
C GLU A 225 21.91 4.32 -0.70
N THR A 226 22.64 3.86 0.32
CA THR A 226 24.11 3.84 0.37
C THR A 226 24.63 2.51 0.92
N PRO A 227 25.82 2.04 0.50
CA PRO A 227 26.38 0.76 0.94
C PRO A 227 26.54 0.64 2.45
N GLY A 228 26.57 -0.61 2.95
CA GLY A 228 26.96 -0.95 4.31
C GLY A 228 25.86 -0.84 5.37
N GLU A 229 24.74 -0.16 5.11
CA GLU A 229 23.58 -0.23 6.00
C GLU A 229 22.95 -1.63 6.02
N PRO A 230 22.31 -2.06 7.11
CA PRO A 230 21.53 -3.29 7.17
C PRO A 230 20.46 -3.39 6.07
N ILE A 231 20.32 -4.59 5.51
CA ILE A 231 19.42 -4.92 4.39
C ILE A 231 18.35 -5.90 4.88
N ASN A 232 17.09 -5.71 4.50
CA ASN A 232 15.99 -6.59 4.90
C ASN A 232 15.91 -7.86 4.05
N TRP A 233 16.94 -8.70 4.06
CA TRP A 233 16.90 -10.02 3.43
C TRP A 233 15.90 -10.96 4.09
N VAL A 234 15.54 -12.04 3.41
CA VAL A 234 14.74 -13.15 3.95
C VAL A 234 15.37 -14.48 3.54
N GLU A 235 15.46 -15.46 4.44
CA GLU A 235 15.69 -16.86 4.08
C GLU A 235 14.39 -17.64 4.21
N LEU A 236 14.09 -18.47 3.22
CA LEU A 236 12.95 -19.38 3.15
C LEU A 236 13.37 -20.84 3.31
N LYS A 237 12.70 -21.57 4.20
CA LYS A 237 13.00 -22.96 4.59
C LYS A 237 11.72 -23.78 4.72
N THR A 238 11.81 -25.12 4.60
CA THR A 238 10.67 -26.03 4.85
C THR A 238 11.02 -27.25 5.69
N SER A 239 10.06 -27.70 6.49
CA SER A 239 10.16 -28.88 7.36
C SER A 239 8.76 -29.42 7.68
N ARG A 240 8.63 -30.65 8.18
CA ARG A 240 7.31 -31.17 8.59
C ARG A 240 6.72 -30.41 9.78
N MET A 241 5.39 -30.41 9.90
CA MET A 241 4.68 -29.82 11.05
C MET A 241 5.20 -30.36 12.38
N ILE A 242 5.32 -29.48 13.37
CA ILE A 242 5.72 -29.85 14.72
C ILE A 242 4.51 -30.39 15.48
N THR A 243 4.13 -31.64 15.22
CA THR A 243 2.94 -32.26 15.83
C THR A 243 3.11 -32.64 17.31
N ASN A 244 4.34 -32.85 17.77
CA ASN A 244 4.66 -33.25 19.15
C ASN A 244 6.08 -32.82 19.54
N THR A 245 6.38 -32.80 20.83
CA THR A 245 7.65 -32.28 21.36
C THR A 245 8.88 -33.07 20.91
N GLY A 246 8.74 -34.34 20.54
CA GLY A 246 9.83 -35.10 19.92
C GLY A 246 10.30 -34.48 18.59
N ILE A 247 9.38 -33.90 17.82
CA ILE A 247 9.73 -33.13 16.62
C ILE A 247 10.32 -31.77 17.01
N GLN A 248 9.79 -31.12 18.05
CA GLN A 248 10.33 -29.85 18.54
C GLN A 248 11.82 -29.98 18.91
N THR A 249 12.26 -31.10 19.48
CA THR A 249 13.67 -31.37 19.74
C THR A 249 14.50 -31.32 18.45
N ALA A 250 14.08 -32.05 17.42
CA ALA A 250 14.79 -32.07 16.15
C ALA A 250 14.80 -30.69 15.49
N PHE A 251 13.69 -29.95 15.56
CA PHE A 251 13.61 -28.60 15.03
C PHE A 251 14.55 -27.63 15.78
N ASP A 252 14.54 -27.64 17.10
CA ASP A 252 15.44 -26.79 17.89
C ASP A 252 16.92 -27.19 17.74
N GLN A 253 17.23 -28.41 17.32
CA GLN A 253 18.57 -28.76 16.83
C GLN A 253 18.84 -28.24 15.41
N LYS A 254 17.88 -28.28 14.47
CA LYS A 254 18.06 -27.65 13.15
C LYS A 254 18.32 -26.16 13.27
N LEU A 255 17.72 -25.50 14.26
CA LEU A 255 17.84 -24.05 14.41
C LEU A 255 19.27 -23.57 14.66
N LEU A 256 20.19 -24.39 15.16
CA LEU A 256 21.61 -24.04 15.25
C LEU A 256 22.18 -23.69 13.87
N LYS A 257 21.98 -24.59 12.90
CA LYS A 257 22.46 -24.38 11.53
C LYS A 257 21.68 -23.29 10.83
N TYR A 258 20.37 -23.15 11.06
CA TYR A 258 19.62 -22.04 10.48
C TYR A 258 20.16 -20.70 10.98
N TRP A 259 20.38 -20.57 12.30
CA TRP A 259 20.91 -19.34 12.87
C TRP A 259 22.30 -18.99 12.33
N ILE A 260 23.25 -19.93 12.34
CA ILE A 260 24.57 -19.70 11.75
C ILE A 260 24.43 -19.22 10.30
N GLN A 261 23.66 -19.96 9.51
CA GLN A 261 23.54 -19.74 8.08
C GLN A 261 22.96 -18.36 7.75
N SER A 262 22.02 -17.85 8.53
CA SER A 262 21.48 -16.50 8.32
C SER A 262 22.31 -15.43 9.00
N PHE A 263 22.99 -15.72 10.10
CA PHE A 263 23.83 -14.76 10.81
C PHE A 263 25.02 -14.32 9.96
N LEU A 264 25.72 -15.25 9.33
CA LEU A 264 26.94 -14.97 8.62
C LEU A 264 26.78 -13.98 7.46
N LEU A 265 25.60 -13.85 6.85
CA LEU A 265 25.32 -12.85 5.81
C LEU A 265 24.46 -11.67 6.30
N GLY A 266 24.22 -11.57 7.61
CA GLY A 266 23.40 -10.49 8.17
C GLY A 266 21.91 -10.56 7.80
N VAL A 267 21.40 -11.72 7.39
CA VAL A 267 19.99 -11.91 7.03
C VAL A 267 19.13 -11.81 8.28
N PRO A 268 18.27 -10.80 8.43
CA PRO A 268 17.61 -10.54 9.71
C PRO A 268 16.40 -11.42 9.98
N ARG A 269 15.76 -11.97 8.95
CA ARG A 269 14.47 -12.66 9.04
C ARG A 269 14.51 -14.02 8.36
N ILE A 270 14.03 -15.05 9.04
CA ILE A 270 13.79 -16.36 8.45
C ILE A 270 12.29 -16.58 8.38
N ILE A 271 11.77 -17.07 7.26
CA ILE A 271 10.39 -17.53 7.16
C ILE A 271 10.38 -19.02 6.83
N VAL A 272 9.70 -19.78 7.68
CA VAL A 272 9.66 -21.25 7.62
C VAL A 272 8.27 -21.69 7.22
N GLY A 273 8.17 -22.57 6.22
CA GLY A 273 6.93 -23.25 5.83
C GLY A 273 6.83 -24.65 6.40
N PHE A 274 5.68 -25.04 6.93
CA PHE A 274 5.47 -26.37 7.48
C PHE A 274 4.57 -27.23 6.60
N ARG A 275 5.10 -28.35 6.14
CA ARG A 275 4.37 -29.37 5.37
C ARG A 275 3.78 -30.44 6.28
N ASP A 276 2.67 -31.06 5.91
CA ASP A 276 2.32 -32.37 6.47
C ASP A 276 3.18 -33.50 5.87
N GLN A 277 3.03 -34.73 6.36
CA GLN A 277 3.84 -35.85 5.91
C GLN A 277 3.48 -36.41 4.52
N ASP A 278 2.44 -35.90 3.85
CA ASP A 278 2.15 -36.20 2.44
C ASP A 278 2.72 -35.12 1.50
N GLY A 279 2.89 -33.89 2.00
CA GLY A 279 3.49 -32.78 1.27
C GLY A 279 2.58 -31.55 1.13
N ILE A 280 1.43 -31.49 1.77
CA ILE A 280 0.59 -30.27 1.74
C ILE A 280 1.18 -29.22 2.68
N LEU A 281 1.36 -28.00 2.20
CA LEU A 281 1.72 -26.85 3.02
C LEU A 281 0.56 -26.52 3.95
N ARG A 282 0.80 -26.39 5.26
CA ARG A 282 -0.25 -26.17 6.26
C ARG A 282 -0.13 -24.86 7.02
N SER A 283 1.07 -24.29 7.16
CA SER A 283 1.29 -23.00 7.83
C SER A 283 2.66 -22.40 7.50
N MET A 284 2.83 -21.11 7.80
CA MET A 284 4.10 -20.39 7.72
C MET A 284 4.35 -19.61 9.02
N GLU A 285 5.61 -19.45 9.41
CA GLU A 285 6.00 -18.70 10.61
C GLU A 285 7.22 -17.82 10.34
N GLU A 286 7.34 -16.74 11.13
CA GLU A 286 8.41 -15.75 11.06
C GLU A 286 9.35 -15.89 12.26
N TYR A 287 10.66 -15.90 12.02
CA TYR A 287 11.70 -15.89 13.05
C TYR A 287 12.72 -14.80 12.78
N GLU A 288 13.27 -14.20 13.84
CA GLU A 288 14.29 -13.15 13.73
C GLU A 288 15.67 -13.70 14.07
N THR A 289 16.66 -13.46 13.21
CA THR A 289 18.00 -14.02 13.34
C THR A 289 18.71 -13.61 14.63
N LEU A 290 18.35 -12.47 15.23
CA LEU A 290 18.88 -12.09 16.54
C LEU A 290 18.32 -12.90 17.71
N ASN A 291 17.12 -13.45 17.59
CA ASN A 291 16.35 -14.00 18.71
C ASN A 291 16.21 -15.52 18.69
N ILE A 292 16.57 -16.21 17.60
CA ILE A 292 16.51 -17.68 17.53
C ILE A 292 17.30 -18.34 18.69
N PRO A 293 18.55 -17.98 18.98
CA PRO A 293 19.28 -18.58 20.09
C PRO A 293 18.57 -18.37 21.43
N TYR A 294 18.03 -17.17 21.65
CA TYR A 294 17.28 -16.82 22.86
C TYR A 294 16.02 -17.68 23.03
N GLU A 295 15.23 -17.90 21.97
CA GLU A 295 14.08 -18.80 22.04
C GLU A 295 14.49 -20.23 22.35
N VAL A 296 15.50 -20.76 21.68
CA VAL A 296 15.93 -22.13 21.93
C VAL A 296 16.47 -22.29 23.36
N ARG A 297 17.24 -21.31 23.84
CA ARG A 297 17.68 -21.23 25.24
C ARG A 297 16.49 -21.23 26.21
N ARG A 298 15.43 -20.49 25.89
CA ARG A 298 14.22 -20.36 26.72
C ARG A 298 13.36 -21.64 26.75
N ARG A 299 13.26 -22.39 25.64
CA ARG A 299 12.62 -23.72 25.64
C ARG A 299 13.48 -24.78 26.32
N GLY A 300 14.80 -24.70 26.16
CA GLY A 300 15.76 -25.61 26.80
C GLY A 300 15.79 -27.04 26.24
N LEU A 301 15.09 -27.30 25.13
CA LEU A 301 14.98 -28.64 24.53
C LEU A 301 16.24 -29.06 23.73
N ALA A 302 17.06 -28.10 23.31
CA ALA A 302 18.35 -28.33 22.66
C ALA A 302 19.46 -27.50 23.32
N LYS A 303 20.69 -28.01 23.35
CA LYS A 303 21.80 -27.46 24.15
C LYS A 303 22.94 -26.97 23.25
N TRP A 304 22.83 -25.74 22.77
CA TRP A 304 23.87 -25.06 21.99
C TRP A 304 23.84 -23.55 22.22
N ASP A 305 24.96 -22.87 22.01
CA ASP A 305 25.06 -21.42 22.23
C ASP A 305 26.12 -20.76 21.34
N GLY A 306 25.70 -19.79 20.52
CA GLY A 306 26.49 -19.29 19.39
C GLY A 306 27.84 -18.67 19.76
N ASN A 307 28.02 -18.19 20.99
CA ASN A 307 29.32 -17.70 21.45
C ASN A 307 30.40 -18.80 21.41
N VAL A 308 30.03 -20.07 21.63
CA VAL A 308 30.95 -21.20 21.43
C VAL A 308 31.37 -21.27 19.97
N CYS A 309 30.42 -21.24 19.04
CA CYS A 309 30.69 -21.33 17.61
C CYS A 309 31.61 -20.20 17.13
N ILE A 310 31.31 -18.96 17.54
CA ILE A 310 32.07 -17.79 17.13
C ILE A 310 33.52 -17.90 17.59
N ARG A 311 33.75 -18.18 18.87
CA ARG A 311 35.12 -18.29 19.39
C ARG A 311 35.85 -19.50 18.83
N PHE A 312 35.17 -20.63 18.65
CA PHE A 312 35.76 -21.80 17.99
C PHE A 312 36.22 -21.48 16.57
N ALA A 313 35.39 -20.77 15.79
CA ALA A 313 35.77 -20.33 14.46
C ALA A 313 36.99 -19.41 14.48
N ALA A 314 37.02 -18.42 15.39
CA ALA A 314 38.16 -17.52 15.51
C ALA A 314 39.46 -18.28 15.83
N LEU A 315 39.43 -19.17 16.82
CA LEU A 315 40.58 -20.00 17.18
C LEU A 315 41.01 -20.91 16.03
N PHE A 316 40.06 -21.55 15.35
CA PHE A 316 40.37 -22.45 14.24
C PHE A 316 40.96 -21.70 13.04
N LEU A 317 40.39 -20.55 12.67
CA LEU A 317 40.94 -19.71 11.60
C LEU A 317 42.36 -19.26 11.93
N GLN A 318 42.60 -18.83 13.17
CA GLN A 318 43.92 -18.45 13.62
C GLN A 318 44.89 -19.64 13.56
N TRP A 319 44.45 -20.83 13.96
CA TRP A 319 45.25 -22.04 13.84
C TRP A 319 45.59 -22.37 12.38
N LEU A 320 44.65 -22.21 11.43
CA LEU A 320 44.98 -22.34 10.02
C LEU A 320 46.01 -21.28 9.59
N ARG A 321 45.85 -20.02 10.00
CA ARG A 321 46.82 -18.96 9.67
C ARG A 321 48.21 -19.19 10.28
N LEU A 322 48.32 -19.97 11.35
CA LEU A 322 49.60 -20.39 11.91
C LEU A 322 50.20 -21.58 11.17
N ASN A 323 49.40 -22.60 10.84
CA ASN A 323 49.89 -23.84 10.23
C ASN A 323 50.10 -23.76 8.72
N ILE A 324 49.33 -22.94 8.01
CA ILE A 324 49.41 -22.80 6.55
C ILE A 324 50.08 -21.47 6.21
N THR A 325 51.18 -21.53 5.46
CA THR A 325 52.06 -20.38 5.21
C THR A 325 52.65 -20.35 3.80
N GLU A 326 52.31 -21.32 2.94
CA GLU A 326 52.94 -21.51 1.64
C GLU A 326 51.98 -22.17 0.64
N GLU A 327 52.26 -21.99 -0.66
CA GLU A 327 51.39 -22.51 -1.74
C GLU A 327 51.38 -24.05 -1.83
N GLY A 328 50.52 -24.56 -2.72
CA GLY A 328 50.08 -25.95 -2.73
C GLY A 328 48.67 -26.09 -2.14
N VAL A 329 48.20 -27.33 -2.02
CA VAL A 329 46.87 -27.65 -1.52
C VAL A 329 46.98 -28.48 -0.25
N TRP A 330 46.18 -28.12 0.73
CA TRP A 330 46.03 -28.80 2.00
C TRP A 330 44.64 -29.43 2.06
N ARG A 331 44.54 -30.61 2.67
CA ARG A 331 43.26 -31.24 3.00
C ARG A 331 42.99 -31.11 4.49
N ILE A 332 41.80 -30.65 4.81
CA ILE A 332 41.25 -30.61 6.17
C ILE A 332 40.16 -31.68 6.24
N ARG A 333 40.11 -32.47 7.30
CA ARG A 333 39.10 -33.52 7.46
C ARG A 333 38.64 -33.63 8.91
N ARG A 334 37.35 -33.88 9.12
CA ARG A 334 36.75 -34.19 10.42
C ARG A 334 36.19 -35.61 10.35
N PRO A 335 36.85 -36.64 10.93
CA PRO A 335 36.34 -38.02 10.97
C PRO A 335 34.96 -38.12 11.63
N PHE A 336 34.17 -39.14 11.31
CA PHE A 336 32.84 -39.30 11.93
C PHE A 336 32.97 -39.49 13.45
N ARG A 337 32.26 -38.66 14.24
CA ARG A 337 32.45 -38.55 15.71
C ARG A 337 33.88 -38.26 16.15
N GLY A 338 34.76 -37.80 15.25
CA GLY A 338 36.17 -37.54 15.53
C GLY A 338 36.36 -36.39 16.52
N SER A 339 37.21 -36.60 17.51
CA SER A 339 37.59 -35.59 18.52
C SER A 339 38.63 -34.59 18.03
N ARG A 340 39.23 -34.83 16.86
CA ARG A 340 40.27 -33.99 16.25
C ARG A 340 39.99 -33.72 14.78
N ILE A 341 40.18 -32.48 14.34
CA ILE A 341 40.29 -32.16 12.93
C ILE A 341 41.68 -32.55 12.46
N GLU A 342 41.78 -33.23 11.34
CA GLU A 342 43.01 -33.59 10.67
C GLU A 342 43.38 -32.52 9.63
N LEU A 343 44.67 -32.23 9.49
CA LEU A 343 45.23 -31.37 8.43
C LEU A 343 46.43 -32.09 7.79
N THR A 344 46.55 -32.01 6.47
CA THR A 344 47.71 -32.56 5.73
C THR A 344 47.94 -31.82 4.42
N LYS A 345 49.20 -31.53 4.04
CA LYS A 345 49.51 -31.00 2.71
C LYS A 345 49.44 -32.14 1.69
N ILE A 346 48.58 -32.01 0.69
CA ILE A 346 48.31 -33.06 -0.29
C ILE A 346 48.94 -32.79 -1.67
N GLU A 347 49.16 -31.53 -2.04
CA GLU A 347 49.87 -31.15 -3.27
C GLU A 347 50.84 -30.00 -2.99
N GLN A 348 52.04 -30.04 -3.57
CA GLN A 348 53.14 -29.18 -3.11
C GLN A 348 53.12 -27.76 -3.65
N VAL A 349 52.52 -27.51 -4.82
CA VAL A 349 52.55 -26.21 -5.53
C VAL A 349 51.24 -25.95 -6.26
N GLY A 350 50.97 -24.70 -6.60
CA GLY A 350 49.74 -24.31 -7.29
C GLY A 350 48.49 -24.45 -6.41
N HIS A 351 47.34 -24.59 -7.05
CA HIS A 351 46.02 -24.43 -6.39
C HIS A 351 45.00 -25.51 -6.76
N GLY A 352 45.40 -26.57 -7.44
CA GLY A 352 44.45 -27.53 -8.03
C GLY A 352 43.55 -26.80 -9.02
N ALA A 353 42.27 -26.66 -8.67
CA ALA A 353 41.32 -25.78 -9.33
C ALA A 353 40.58 -24.82 -8.37
N ILE A 354 41.10 -24.61 -7.15
CA ILE A 354 40.48 -23.76 -6.12
C ILE A 354 40.50 -22.27 -6.52
N ILE A 355 41.46 -21.87 -7.37
CA ILE A 355 41.66 -20.49 -7.81
C ILE A 355 41.78 -20.45 -9.34
N THR A 356 41.15 -19.48 -9.98
CA THR A 356 41.22 -19.30 -11.44
C THR A 356 42.51 -18.62 -11.88
N GLU A 357 42.98 -18.92 -13.09
CA GLU A 357 44.13 -18.22 -13.66
C GLU A 357 43.83 -16.73 -13.88
N GLU A 358 42.58 -16.38 -14.17
CA GLU A 358 42.10 -15.00 -14.24
C GLU A 358 42.30 -14.26 -12.90
N PHE A 359 42.02 -14.90 -11.77
CA PHE A 359 42.26 -14.32 -10.46
C PHE A 359 43.76 -14.15 -10.18
N MET A 360 44.59 -15.15 -10.52
CA MET A 360 46.04 -15.02 -10.41
C MET A 360 46.55 -13.85 -11.24
N ASN A 361 46.15 -13.77 -12.51
CA ASN A 361 46.56 -12.71 -13.42
C ASN A 361 46.09 -11.33 -12.94
N TRP A 362 44.88 -11.23 -12.39
CA TRP A 362 44.41 -9.99 -11.79
C TRP A 362 45.25 -9.57 -10.57
N ARG A 363 45.51 -10.47 -9.61
CA ARG A 363 46.35 -10.14 -8.46
C ARG A 363 47.80 -9.83 -8.84
N ILE A 364 48.36 -10.49 -9.85
CA ILE A 364 49.67 -10.16 -10.40
C ILE A 364 49.66 -8.73 -10.96
N LYS A 365 48.67 -8.39 -11.80
CA LYS A 365 48.48 -7.03 -12.31
C LYS A 365 48.34 -6.02 -11.18
N LEU A 366 47.59 -6.33 -10.14
CA LEU A 366 47.41 -5.43 -9.00
C LEU A 366 48.72 -5.19 -8.23
N ASP A 367 49.52 -6.23 -7.96
CA ASP A 367 50.82 -6.05 -7.31
C ASP A 367 51.81 -5.26 -8.19
N LEU A 368 51.75 -5.41 -9.51
CA LEU A 368 52.49 -4.56 -10.44
C LEU A 368 52.00 -3.11 -10.40
N GLN A 369 50.70 -2.87 -10.23
CA GLN A 369 50.18 -1.52 -9.99
C GLN A 369 50.65 -0.94 -8.65
N LYS A 370 50.71 -1.71 -7.56
CA LYS A 370 51.30 -1.25 -6.29
C LYS A 370 52.75 -0.78 -6.47
N ALA A 371 53.56 -1.58 -7.17
CA ALA A 371 54.94 -1.22 -7.47
C ALA A 371 55.06 0.05 -8.32
N LYS A 372 54.20 0.21 -9.34
CA LYS A 372 54.14 1.40 -10.20
C LYS A 372 53.66 2.66 -9.46
N GLN A 373 52.70 2.53 -8.54
CA GLN A 373 52.22 3.61 -7.68
C GLN A 373 53.31 4.08 -6.70
N GLN A 374 54.05 3.13 -6.11
CA GLN A 374 55.15 3.40 -5.18
C GLN A 374 56.42 3.79 -5.93
N ALA B 5 -29.70 8.21 6.13
CA ALA B 5 -30.18 6.89 5.71
C ALA B 5 -29.06 5.85 5.73
N ALA B 6 -27.91 6.14 5.12
CA ALA B 6 -26.76 5.24 5.10
C ALA B 6 -26.25 4.92 6.52
N PHE B 7 -26.12 5.95 7.38
CA PHE B 7 -25.71 5.73 8.76
C PHE B 7 -26.72 4.92 9.55
N ARG B 8 -28.01 5.26 9.49
CA ARG B 8 -29.07 4.54 10.20
C ARG B 8 -29.10 3.07 9.79
N TRP B 9 -28.81 2.76 8.52
CA TRP B 9 -28.66 1.39 8.08
C TRP B 9 -27.41 0.71 8.66
N LEU B 10 -26.23 1.33 8.51
CA LEU B 10 -24.97 0.77 9.00
C LEU B 10 -24.96 0.53 10.52
N SER B 11 -25.41 1.51 11.31
CA SER B 11 -25.43 1.41 12.78
C SER B 11 -26.27 0.23 13.26
N ASN B 12 -27.39 -0.02 12.58
CA ASN B 12 -28.33 -1.05 12.99
C ASN B 12 -27.87 -2.45 12.56
N LYS B 13 -27.22 -2.58 11.39
CA LYS B 13 -26.74 -3.87 10.90
C LYS B 13 -25.40 -4.30 11.52
N TYR B 14 -24.46 -3.38 11.72
CA TYR B 14 -23.08 -3.68 12.12
C TYR B 14 -22.62 -2.91 13.37
N PRO B 15 -23.32 -3.01 14.50
CA PRO B 15 -23.14 -2.09 15.62
C PRO B 15 -21.75 -2.12 16.26
N LYS B 16 -20.99 -3.22 16.16
CA LYS B 16 -19.65 -3.32 16.79
C LYS B 16 -18.55 -2.52 16.10
N ILE B 17 -18.76 -1.97 14.90
CA ILE B 17 -17.72 -1.15 14.23
C ILE B 17 -17.53 0.25 14.85
N ILE B 18 -18.40 0.67 15.78
CA ILE B 18 -18.41 1.99 16.41
C ILE B 18 -17.73 1.95 17.79
N SER B 19 -16.92 2.96 18.13
CA SER B 19 -16.50 3.24 19.51
C SER B 19 -16.29 4.75 19.74
N PRO B 20 -16.59 5.30 20.92
CA PRO B 20 -16.42 6.73 21.19
C PRO B 20 -14.94 7.14 21.28
N VAL B 21 -14.61 8.34 20.83
CA VAL B 21 -13.23 8.87 20.84
C VAL B 21 -12.86 9.29 22.26
N VAL B 22 -11.68 8.91 22.73
CA VAL B 22 -11.11 9.45 23.98
C VAL B 22 -10.59 10.86 23.71
N GLU B 23 -11.25 11.86 24.29
CA GLU B 23 -10.93 13.28 24.15
C GLU B 23 -10.33 13.80 25.46
N GLU B 24 -9.18 14.47 25.38
CA GLU B 24 -8.58 15.19 26.52
C GLU B 24 -8.76 16.69 26.32
N ARG B 25 -9.36 17.38 27.29
CA ARG B 25 -9.83 18.77 27.14
C ARG B 25 -8.88 19.78 27.79
N PRO B 26 -8.63 20.95 27.18
CA PRO B 26 -7.77 22.00 27.74
C PRO B 26 -8.16 22.41 29.16
N ILE B 27 -7.17 22.75 29.98
CA ILE B 27 -7.38 23.39 31.28
C ILE B 27 -7.65 24.88 31.08
N VAL B 28 -8.66 25.42 31.75
CA VAL B 28 -8.94 26.86 31.81
C VAL B 28 -8.56 27.39 33.19
N MET B 29 -7.71 28.41 33.23
CA MET B 29 -7.15 29.00 34.46
C MET B 29 -8.08 30.02 35.12
N PRO B 30 -7.85 30.41 36.39
CA PRO B 30 -8.71 31.36 37.12
C PRO B 30 -8.87 32.74 36.45
N ASP B 31 -7.87 33.18 35.68
CA ASP B 31 -7.90 34.41 34.89
C ASP B 31 -8.63 34.27 33.54
N GLY B 32 -9.13 33.08 33.21
CA GLY B 32 -9.80 32.76 31.95
C GLY B 32 -8.86 32.35 30.81
N THR B 33 -7.54 32.28 31.03
CA THR B 33 -6.59 31.79 30.00
C THR B 33 -6.65 30.27 29.83
N GLU B 34 -6.26 29.79 28.65
CA GLU B 34 -6.29 28.38 28.28
C GLU B 34 -4.88 27.79 28.23
N ILE B 35 -4.64 26.66 28.90
CA ILE B 35 -3.38 25.90 28.75
C ILE B 35 -3.56 24.90 27.60
N PRO B 36 -2.71 24.92 26.57
CA PRO B 36 -2.83 24.01 25.44
C PRO B 36 -2.45 22.57 25.84
N VAL B 37 -3.19 21.59 25.32
CA VAL B 37 -2.96 20.18 25.59
C VAL B 37 -1.66 19.70 24.94
N ASP B 38 -0.74 19.18 25.74
CA ASP B 38 0.55 18.67 25.26
C ASP B 38 0.37 17.35 24.48
N ALA B 39 0.39 17.42 23.15
CA ALA B 39 0.27 16.27 22.26
C ALA B 39 1.59 15.47 22.07
N THR B 40 2.69 15.83 22.72
CA THR B 40 3.94 15.03 22.63
C THR B 40 3.86 13.72 23.42
N ARG B 41 2.95 13.64 24.40
CA ARG B 41 2.62 12.43 25.18
C ARG B 41 1.94 11.35 24.31
N PRO B 42 1.87 10.09 24.76
CA PRO B 42 1.10 9.03 24.09
C PRO B 42 -0.38 9.42 23.88
N ASN B 43 -0.99 8.97 22.78
CA ASN B 43 -2.41 9.21 22.51
C ASN B 43 -3.31 8.45 23.52
N PRO B 44 -4.28 9.10 24.19
CA PRO B 44 -5.08 8.46 25.22
C PRO B 44 -6.06 7.39 24.69
N ASN B 45 -6.27 7.30 23.37
CA ASN B 45 -7.07 6.23 22.75
C ASN B 45 -6.38 4.85 22.78
N GLY B 46 -5.11 4.76 23.18
CA GLY B 46 -4.40 3.47 23.37
C GLY B 46 -3.84 2.84 22.10
N GLU B 47 -3.90 3.53 20.97
CA GLU B 47 -3.30 3.15 19.69
C GLU B 47 -2.74 4.41 19.00
N GLU B 48 -1.65 4.29 18.26
CA GLU B 48 -0.90 5.44 17.70
C GLU B 48 -1.06 5.55 16.18
N PHE B 49 -1.38 6.74 15.67
CA PHE B 49 -1.72 6.95 14.26
C PHE B 49 -0.60 7.65 13.50
N ASP B 50 -0.19 7.08 12.37
CA ASP B 50 0.85 7.66 11.54
C ASP B 50 0.34 8.84 10.72
N ASN B 51 -0.81 8.70 10.07
CA ASN B 51 -1.30 9.68 9.09
C ASN B 51 -2.70 10.21 9.44
N LEU B 52 -2.95 11.51 9.26
CA LEU B 52 -4.27 12.13 9.32
C LEU B 52 -4.61 12.86 8.03
N TYR B 53 -5.80 12.62 7.51
CA TYR B 53 -6.34 13.27 6.32
C TYR B 53 -7.59 14.10 6.66
N LEU B 54 -7.63 15.37 6.27
CA LEU B 54 -8.80 16.22 6.46
C LEU B 54 -9.49 16.51 5.13
N ASP B 55 -10.76 16.12 5.02
CA ASP B 55 -11.64 16.54 3.94
C ASP B 55 -12.23 17.92 4.27
N MET B 56 -11.56 19.00 3.88
CA MET B 56 -11.75 20.31 4.52
C MET B 56 -13.15 20.92 4.31
N ASN B 57 -13.87 20.56 3.26
CA ASN B 57 -15.25 20.98 3.10
C ASN B 57 -16.22 20.33 4.10
N GLY B 58 -15.77 19.37 4.90
CA GLY B 58 -16.46 18.95 6.12
C GLY B 58 -16.37 19.95 7.30
N ILE B 59 -15.75 21.12 7.11
CA ILE B 59 -15.59 22.18 8.13
C ILE B 59 -16.05 23.54 7.58
N VAL B 60 -15.63 23.91 6.37
CA VAL B 60 -15.88 25.24 5.79
C VAL B 60 -17.37 25.54 5.62
N HIS B 61 -18.15 24.58 5.09
CA HIS B 61 -19.59 24.76 4.94
C HIS B 61 -20.28 25.00 6.29
N PRO B 62 -20.16 24.12 7.31
CA PRO B 62 -20.71 24.36 8.66
C PRO B 62 -20.40 25.74 9.24
N CYS B 63 -19.17 26.25 9.10
CA CYS B 63 -18.80 27.56 9.66
C CYS B 63 -19.57 28.72 9.03
N SER B 64 -19.96 28.62 7.76
CA SER B 64 -20.65 29.70 7.03
C SER B 64 -22.15 29.81 7.31
N HIS B 65 -22.80 28.71 7.69
CA HIS B 65 -24.22 28.68 8.04
C HIS B 65 -24.51 27.61 9.11
N PRO B 66 -24.01 27.79 10.33
CA PRO B 66 -24.10 26.80 11.41
C PRO B 66 -25.52 26.65 11.96
N GLU B 67 -25.81 25.50 12.57
CA GLU B 67 -27.10 25.22 13.23
C GLU B 67 -27.20 25.77 14.67
N ASP B 68 -26.07 26.00 15.33
CA ASP B 68 -25.95 26.23 16.78
C ASP B 68 -25.23 27.55 17.15
N LYS B 69 -24.98 28.42 16.17
CA LYS B 69 -24.34 29.74 16.30
C LYS B 69 -25.02 30.76 15.38
N PRO B 70 -24.87 32.07 15.61
CA PRO B 70 -25.05 33.07 14.56
C PRO B 70 -23.95 32.92 13.49
N ALA B 71 -24.25 33.26 12.23
CA ALA B 71 -23.25 33.25 11.16
C ALA B 71 -22.14 34.29 11.40
N PRO B 72 -20.89 34.02 10.97
CA PRO B 72 -19.78 34.97 11.12
C PRO B 72 -20.04 36.23 10.30
N LYS B 73 -19.73 37.40 10.88
CA LYS B 73 -20.11 38.72 10.35
C LYS B 73 -19.22 39.19 9.19
N ASP B 74 -18.03 38.61 9.06
CA ASP B 74 -17.05 38.94 8.02
C ASP B 74 -16.11 37.74 7.77
N GLU B 75 -15.34 37.80 6.68
CA GLU B 75 -14.52 36.67 6.23
C GLU B 75 -13.39 36.31 7.20
N GLU B 76 -12.80 37.29 7.88
CA GLU B 76 -11.76 37.04 8.88
C GLU B 76 -12.33 36.27 10.08
N GLU B 77 -13.50 36.65 10.58
CA GLU B 77 -14.16 35.94 11.67
C GLU B 77 -14.42 34.46 11.32
N MET B 78 -14.76 34.18 10.05
CA MET B 78 -14.92 32.80 9.57
C MET B 78 -13.60 32.01 9.56
N MET B 79 -12.50 32.60 9.10
CA MET B 79 -11.19 31.91 9.10
C MET B 79 -10.73 31.54 10.51
N ILE B 80 -10.94 32.43 11.49
CA ILE B 80 -10.61 32.14 12.88
C ILE B 80 -11.41 30.96 13.42
N GLU B 81 -12.71 30.88 13.15
CA GLU B 81 -13.51 29.72 13.55
C GLU B 81 -13.03 28.42 12.87
N ILE B 82 -12.59 28.48 11.60
CA ILE B 82 -12.02 27.33 10.89
C ILE B 82 -10.73 26.83 11.58
N PHE B 83 -9.84 27.72 11.99
CA PHE B 83 -8.64 27.33 12.74
C PHE B 83 -9.00 26.68 14.07
N LYS B 84 -9.94 27.24 14.83
CA LYS B 84 -10.36 26.65 16.12
C LYS B 84 -10.84 25.21 15.94
N TYR B 85 -11.67 24.95 14.93
CA TYR B 85 -12.18 23.60 14.69
C TYR B 85 -11.05 22.66 14.24
N THR B 86 -10.17 23.10 13.33
CA THR B 86 -9.09 22.26 12.79
C THR B 86 -8.08 21.87 13.87
N ASP B 87 -7.70 22.82 14.72
CA ASP B 87 -6.81 22.60 15.87
C ASP B 87 -7.39 21.55 16.84
N ARG B 88 -8.69 21.61 17.12
CA ARG B 88 -9.35 20.64 18.00
C ARG B 88 -9.21 19.22 17.50
N ILE B 89 -9.28 18.99 16.18
CA ILE B 89 -9.11 17.64 15.61
C ILE B 89 -7.68 17.14 15.80
N VAL B 90 -6.68 17.93 15.43
CA VAL B 90 -5.28 17.49 15.55
C VAL B 90 -4.91 17.20 17.00
N LYS B 91 -5.40 17.97 17.98
CA LYS B 91 -5.19 17.70 19.41
C LYS B 91 -5.69 16.32 19.87
N MET B 92 -6.78 15.80 19.28
CA MET B 92 -7.29 14.49 19.65
C MET B 92 -6.77 13.35 18.78
N VAL B 93 -6.35 13.59 17.53
CA VAL B 93 -5.75 12.56 16.67
C VAL B 93 -4.24 12.40 16.91
N ARG B 94 -3.51 13.50 17.07
CA ARG B 94 -2.05 13.58 17.29
C ARG B 94 -1.24 12.82 16.23
N PRO B 95 -1.39 13.09 14.93
CA PRO B 95 -0.74 12.33 13.88
C PRO B 95 0.78 12.44 13.98
N ARG B 96 1.48 11.30 13.95
CA ARG B 96 2.94 11.28 14.18
C ARG B 96 3.77 11.57 12.93
N LYS B 97 3.27 11.33 11.72
CA LYS B 97 4.12 11.32 10.51
C LYS B 97 3.60 12.11 9.34
N ILE B 98 2.28 12.23 9.11
CA ILE B 98 1.70 13.10 8.07
C ILE B 98 0.38 13.74 8.51
N LEU B 99 0.21 15.03 8.23
CA LEU B 99 -1.08 15.72 8.19
C LEU B 99 -1.35 16.21 6.77
N MET B 100 -2.46 15.83 6.16
CA MET B 100 -2.85 16.31 4.84
C MET B 100 -4.15 17.12 4.89
N ILE B 101 -4.12 18.34 4.39
CA ILE B 101 -5.32 19.16 4.23
C ILE B 101 -5.70 19.15 2.75
N ALA B 102 -6.86 18.58 2.43
CA ALA B 102 -7.40 18.56 1.08
C ALA B 102 -8.65 19.44 0.97
N VAL B 103 -8.67 20.35 0.01
CA VAL B 103 -9.81 21.22 -0.30
C VAL B 103 -10.33 20.86 -1.68
N ASP B 104 -11.64 20.87 -1.90
CA ASP B 104 -12.22 20.54 -3.22
C ASP B 104 -11.69 21.46 -4.32
N GLY B 105 -11.18 20.87 -5.39
CA GLY B 105 -10.91 21.58 -6.64
C GLY B 105 -12.06 21.47 -7.62
N VAL B 106 -11.78 21.76 -8.89
CA VAL B 106 -12.72 21.49 -9.98
C VAL B 106 -13.02 20.00 -10.05
N ALA B 107 -14.29 19.62 -10.21
CA ALA B 107 -14.75 18.22 -10.19
C ALA B 107 -14.98 17.63 -11.60
N PRO B 108 -15.07 16.30 -11.76
CA PRO B 108 -15.50 15.68 -13.00
C PRO B 108 -16.94 16.05 -13.35
N ARG B 109 -17.24 16.12 -14.65
CA ARG B 109 -18.55 16.56 -15.14
C ARG B 109 -19.71 15.79 -14.53
N ALA B 110 -19.55 14.48 -14.35
CA ALA B 110 -20.57 13.64 -13.75
C ALA B 110 -20.96 14.10 -12.34
N LYS B 111 -20.06 14.72 -11.59
CA LYS B 111 -20.38 15.30 -10.28
C LYS B 111 -20.96 16.70 -10.39
N MET B 112 -20.48 17.52 -11.33
CA MET B 112 -20.99 18.88 -11.52
C MET B 112 -22.50 18.90 -11.77
N ASN B 113 -23.04 17.94 -12.52
CA ASN B 113 -24.48 17.85 -12.74
C ASN B 113 -25.27 17.70 -11.43
N GLN B 114 -24.75 16.97 -10.45
CA GLN B 114 -25.41 16.82 -9.15
C GLN B 114 -25.34 18.13 -8.34
N GLN B 115 -24.23 18.86 -8.41
CA GLN B 115 -24.10 20.15 -7.74
C GLN B 115 -25.04 21.21 -8.35
N ARG B 116 -25.11 21.29 -9.68
CA ARG B 116 -26.06 22.16 -10.40
C ARG B 116 -27.50 21.88 -9.96
N SER B 117 -27.87 20.60 -9.90
CA SER B 117 -29.18 20.14 -9.42
C SER B 117 -29.45 20.45 -7.94
N ARG B 118 -28.41 20.66 -7.12
CA ARG B 118 -28.54 21.12 -5.73
C ARG B 118 -28.69 22.65 -5.63
N ARG B 119 -27.87 23.39 -6.37
CA ARG B 119 -27.75 24.87 -6.27
C ARG B 119 -28.90 25.63 -6.91
N PHE B 120 -29.44 25.17 -8.04
CA PHE B 120 -30.64 25.78 -8.62
C PHE B 120 -31.82 25.73 -7.66
N ARG B 121 -31.98 24.64 -6.90
CA ARG B 121 -32.99 24.54 -5.84
C ARG B 121 -32.76 25.53 -4.72
N ALA B 122 -31.54 25.65 -4.21
CA ALA B 122 -31.22 26.64 -3.18
C ALA B 122 -31.55 28.07 -3.63
N ALA B 123 -31.23 28.43 -4.88
CA ALA B 123 -31.56 29.73 -5.44
C ALA B 123 -33.07 29.94 -5.62
N GLN B 124 -33.82 28.97 -6.16
CA GLN B 124 -35.27 29.12 -6.29
C GLN B 124 -35.97 29.18 -4.93
N GLU B 125 -35.51 28.44 -3.91
CA GLU B 125 -36.02 28.63 -2.56
C GLU B 125 -35.78 30.06 -2.03
N ALA B 126 -34.56 30.59 -2.16
CA ALA B 126 -34.27 31.96 -1.72
C ALA B 126 -35.08 33.02 -2.49
N LYS B 127 -35.33 32.78 -3.78
CA LYS B 127 -36.18 33.63 -4.64
C LYS B 127 -37.65 33.58 -4.24
N GLU B 128 -38.19 32.42 -3.91
CA GLU B 128 -39.57 32.27 -3.43
C GLU B 128 -39.77 32.83 -2.02
N LYS B 129 -38.76 32.71 -1.15
CA LYS B 129 -38.76 33.27 0.22
C LYS B 129 -38.62 34.80 0.18
N ALA B 160 -25.77 39.61 3.14
CA ALA B 160 -25.39 38.37 3.81
C ALA B 160 -24.48 37.49 2.92
N PHE B 161 -23.77 36.54 3.54
CA PHE B 161 -22.85 35.63 2.85
C PHE B 161 -23.62 34.55 2.05
N ASP B 162 -23.51 34.57 0.73
CA ASP B 162 -24.04 33.50 -0.14
C ASP B 162 -23.15 32.26 -0.07
N SER B 163 -23.67 31.13 0.42
CA SER B 163 -22.91 29.87 0.54
C SER B 163 -22.40 29.31 -0.79
N ASN B 164 -22.96 29.71 -1.94
CA ASN B 164 -22.39 29.38 -3.25
C ASN B 164 -20.98 29.96 -3.45
N SER B 165 -20.60 30.96 -2.66
CA SER B 165 -19.24 31.53 -2.68
C SER B 165 -18.15 30.50 -2.38
N ILE B 166 -18.50 29.38 -1.71
CA ILE B 166 -17.58 28.28 -1.42
C ILE B 166 -17.43 27.39 -2.66
N THR B 167 -16.77 27.93 -3.69
CA THR B 167 -16.55 27.27 -5.00
C THR B 167 -15.17 27.66 -5.54
N PRO B 168 -14.39 26.74 -6.17
CA PRO B 168 -13.10 27.07 -6.74
C PRO B 168 -13.12 28.32 -7.62
N GLY B 169 -12.16 29.23 -7.40
CA GLY B 169 -12.01 30.47 -8.17
C GLY B 169 -12.77 31.70 -7.65
N THR B 170 -13.52 31.63 -6.55
CA THR B 170 -14.10 32.83 -5.91
C THR B 170 -13.07 33.59 -5.04
N PRO B 171 -13.29 34.89 -4.76
CA PRO B 171 -12.49 35.64 -3.79
C PRO B 171 -12.42 34.95 -2.41
N PHE B 172 -13.50 34.29 -1.98
CA PHE B 172 -13.51 33.56 -0.72
C PHE B 172 -12.51 32.40 -0.70
N MET B 173 -12.45 31.60 -1.76
CA MET B 173 -11.50 30.49 -1.80
C MET B 173 -10.04 30.96 -1.91
N ASP B 174 -9.77 32.12 -2.50
CA ASP B 174 -8.43 32.73 -2.41
C ASP B 174 -8.07 33.08 -0.96
N ILE B 175 -8.99 33.71 -0.21
CA ILE B 175 -8.73 34.08 1.18
C ILE B 175 -8.50 32.83 2.03
N LEU B 176 -9.28 31.77 1.83
CA LEU B 176 -9.04 30.50 2.50
C LEU B 176 -7.67 29.91 2.13
N ALA B 177 -7.32 29.90 0.85
CA ALA B 177 -6.06 29.30 0.39
C ALA B 177 -4.81 29.98 0.97
N ALA B 178 -4.84 31.30 1.17
CA ALA B 178 -3.77 31.99 1.91
C ALA B 178 -3.82 31.66 3.42
N SER B 179 -5.01 31.69 4.02
CA SER B 179 -5.18 31.55 5.47
C SER B 179 -4.68 30.20 5.98
N LEU B 180 -4.91 29.13 5.23
CA LEU B 180 -4.44 27.81 5.63
C LEU B 180 -2.91 27.67 5.60
N ARG B 181 -2.22 28.26 4.61
CA ARG B 181 -0.75 28.25 4.58
C ARG B 181 -0.15 29.04 5.74
N TYR B 182 -0.70 30.19 6.09
CA TYR B 182 -0.29 30.92 7.28
C TYR B 182 -0.45 30.05 8.54
N TRP B 183 -1.61 29.44 8.74
CA TRP B 183 -1.87 28.70 9.97
C TRP B 183 -0.94 27.51 10.11
N CYS B 184 -0.66 26.79 9.03
CA CYS B 184 0.31 25.70 9.06
C CYS B 184 1.73 26.20 9.39
N ALA B 185 2.20 27.27 8.74
CA ALA B 185 3.51 27.83 9.05
C ALA B 185 3.58 28.29 10.52
N TYR B 186 2.56 28.98 11.01
CA TYR B 186 2.51 29.41 12.40
C TYR B 186 2.55 28.22 13.37
N LYS B 187 1.80 27.14 13.09
CA LYS B 187 1.86 25.92 13.90
C LYS B 187 3.25 25.31 13.87
N LEU B 188 3.91 25.22 12.72
CA LEU B 188 5.26 24.68 12.63
C LEU B 188 6.32 25.51 13.38
N ASN B 189 5.99 26.72 13.79
CA ASN B 189 6.84 27.54 14.64
C ASN B 189 6.57 27.39 16.14
N THR B 190 5.36 27.02 16.56
CA THR B 190 4.88 27.29 17.93
C THR B 190 4.25 26.11 18.67
N ASP B 191 4.23 24.91 18.09
CA ASP B 191 3.59 23.74 18.67
C ASP B 191 4.52 22.53 18.66
N PRO B 192 5.16 22.18 19.79
CA PRO B 192 6.21 21.15 19.86
C PRO B 192 5.82 19.78 19.30
N ALA B 193 4.54 19.40 19.34
CA ALA B 193 4.09 18.12 18.77
C ALA B 193 4.19 18.06 17.23
N TRP B 194 4.23 19.20 16.55
CA TRP B 194 4.39 19.29 15.10
C TRP B 194 5.85 19.29 14.65
N ALA B 195 6.82 19.26 15.57
CA ALA B 195 8.22 19.44 15.24
C ALA B 195 8.74 18.42 14.21
N LYS B 196 8.25 17.16 14.24
CA LYS B 196 8.58 16.12 13.26
C LYS B 196 7.51 15.94 12.16
N LEU B 197 6.45 16.72 12.16
CA LEU B 197 5.31 16.53 11.25
C LEU B 197 5.62 17.05 9.85
N LYS B 198 5.12 16.34 8.83
CA LYS B 198 5.01 16.86 7.45
C LYS B 198 3.60 17.34 7.26
N VAL B 199 3.42 18.56 6.75
CA VAL B 199 2.11 19.13 6.47
C VAL B 199 1.95 19.25 4.97
N ILE B 200 1.00 18.53 4.39
CA ILE B 200 0.76 18.50 2.95
C ILE B 200 -0.53 19.24 2.68
N ILE B 201 -0.52 20.25 1.81
CA ILE B 201 -1.70 21.05 1.50
C ILE B 201 -2.03 20.91 0.02
N SER B 202 -3.31 20.64 -0.26
CA SER B 202 -3.89 20.61 -1.59
C SER B 202 -5.14 21.50 -1.67
N ASP B 203 -4.93 22.80 -1.81
CA ASP B 203 -5.98 23.81 -1.81
C ASP B 203 -6.85 23.79 -3.09
N ALA B 204 -7.83 24.69 -3.16
CA ALA B 204 -8.84 24.73 -4.20
C ALA B 204 -8.30 24.96 -5.63
N THR B 205 -7.06 25.42 -5.79
CA THR B 205 -6.47 25.58 -7.13
C THR B 205 -6.05 24.27 -7.77
N VAL B 206 -6.05 23.15 -7.05
CA VAL B 206 -5.66 21.81 -7.56
C VAL B 206 -6.90 20.94 -7.78
N PRO B 207 -7.10 20.35 -8.97
CA PRO B 207 -8.30 19.57 -9.32
C PRO B 207 -8.67 18.42 -8.40
N GLY B 208 -9.92 17.96 -8.50
CA GLY B 208 -10.47 16.80 -7.79
C GLY B 208 -11.09 17.15 -6.44
N GLU B 209 -12.13 16.42 -6.05
CA GLU B 209 -12.75 16.56 -4.74
C GLU B 209 -11.89 15.97 -3.63
N GLY B 210 -12.04 16.42 -2.39
CA GLY B 210 -11.16 16.07 -1.29
C GLY B 210 -11.00 14.57 -1.09
N GLU B 211 -12.10 13.83 -1.00
CA GLU B 211 -12.05 12.37 -0.91
C GLU B 211 -11.35 11.72 -2.12
N HIS B 212 -11.57 12.23 -3.34
CA HIS B 212 -10.89 11.75 -4.54
C HIS B 212 -9.47 12.28 -4.73
N LYS B 213 -8.99 13.22 -3.90
CA LYS B 213 -7.57 13.56 -3.73
C LYS B 213 -6.92 12.61 -2.73
N ILE B 214 -7.53 12.46 -1.55
CA ILE B 214 -7.01 11.67 -0.44
C ILE B 214 -6.80 10.21 -0.85
N MET B 215 -7.79 9.61 -1.51
CA MET B 215 -7.64 8.24 -2.01
C MET B 215 -6.47 8.10 -2.97
N GLU B 216 -6.20 9.09 -3.81
CA GLU B 216 -5.08 9.01 -4.74
C GLU B 216 -3.74 9.11 -4.01
N PHE B 217 -3.67 9.89 -2.94
CA PHE B 217 -2.48 9.89 -2.11
C PHE B 217 -2.26 8.53 -1.45
N ILE B 218 -3.28 7.90 -0.86
CA ILE B 218 -3.13 6.57 -0.24
C ILE B 218 -2.66 5.53 -1.25
N ARG B 219 -3.26 5.49 -2.45
CA ARG B 219 -2.77 4.61 -3.53
C ARG B 219 -1.33 4.91 -3.90
N SER B 220 -0.94 6.17 -3.96
CA SER B 220 0.45 6.52 -4.26
C SER B 220 1.40 5.91 -3.23
N GLN B 221 1.09 5.99 -1.93
CA GLN B 221 1.97 5.44 -0.90
C GLN B 221 2.00 3.91 -0.92
N ARG B 222 0.86 3.23 -1.03
CA ARG B 222 0.82 1.76 -1.15
C ARG B 222 1.64 1.22 -2.31
N SER B 223 1.76 1.97 -3.41
CA SER B 223 2.59 1.54 -4.54
C SER B 223 4.10 1.63 -4.27
N SER B 224 4.54 2.38 -3.26
CA SER B 224 5.97 2.54 -2.95
C SER B 224 6.58 1.29 -2.34
N PRO B 225 7.81 0.89 -2.69
CA PRO B 225 8.39 -0.37 -2.24
C PRO B 225 8.69 -0.39 -0.75
N GLU B 226 8.87 0.76 -0.10
CA GLU B 226 9.27 0.82 1.32
C GLU B 226 8.12 1.14 2.27
N HIS B 227 6.88 1.21 1.78
CA HIS B 227 5.73 1.58 2.61
C HIS B 227 5.50 0.56 3.72
N ASN B 228 5.37 1.03 4.97
CA ASN B 228 5.11 0.17 6.12
C ASN B 228 3.70 -0.44 6.03
N PRO B 229 3.55 -1.77 5.95
CA PRO B 229 2.26 -2.40 5.75
C PRO B 229 1.31 -2.22 6.94
N ASN B 230 1.81 -1.91 8.12
CA ASN B 230 1.00 -1.65 9.31
C ASN B 230 0.87 -0.15 9.63
N THR B 231 1.04 0.72 8.63
CA THR B 231 0.76 2.16 8.75
C THR B 231 -0.66 2.38 9.24
N ARG B 232 -0.88 3.25 10.21
CA ARG B 232 -2.22 3.56 10.74
C ARG B 232 -2.72 4.91 10.26
N HIS B 233 -3.94 4.94 9.72
CA HIS B 233 -4.54 6.09 9.04
C HIS B 233 -5.83 6.53 9.72
N VAL B 234 -6.08 7.82 9.73
CA VAL B 234 -7.36 8.42 10.12
C VAL B 234 -7.84 9.36 9.02
N ILE B 235 -9.14 9.39 8.77
CA ILE B 235 -9.76 10.39 7.87
C ILE B 235 -10.94 11.07 8.56
N TYR B 236 -11.02 12.40 8.46
CA TYR B 236 -12.15 13.18 8.95
C TYR B 236 -12.99 13.65 7.76
N GLY B 237 -14.30 13.48 7.86
CA GLY B 237 -15.27 13.99 6.88
C GLY B 237 -16.70 13.54 7.19
N LEU B 238 -17.68 14.19 6.57
CA LEU B 238 -19.09 14.01 6.90
C LEU B 238 -19.77 12.89 6.09
N ASP B 239 -19.38 12.70 4.84
CA ASP B 239 -20.07 11.80 3.90
C ASP B 239 -19.99 10.32 4.28
N ALA B 240 -21.09 9.59 4.03
CA ALA B 240 -21.16 8.15 4.34
C ALA B 240 -20.28 7.29 3.42
N ASP B 241 -19.84 7.82 2.28
CA ASP B 241 -18.96 7.12 1.36
C ASP B 241 -17.57 6.83 1.95
N LEU B 242 -17.16 7.55 3.01
CA LEU B 242 -15.81 7.40 3.57
C LEU B 242 -15.54 6.00 4.11
N ILE B 243 -16.53 5.31 4.68
CA ILE B 243 -16.31 3.93 5.12
C ILE B 243 -16.25 2.96 3.94
N MET B 244 -17.03 3.20 2.87
CA MET B 244 -16.93 2.43 1.63
C MET B 244 -15.54 2.62 1.01
N LEU B 245 -15.03 3.85 1.02
CA LEU B 245 -13.65 4.11 0.63
C LEU B 245 -12.64 3.43 1.57
N GLY B 246 -12.92 3.38 2.87
CA GLY B 246 -12.09 2.70 3.85
C GLY B 246 -11.83 1.25 3.46
N LEU B 247 -12.88 0.48 3.19
CA LEU B 247 -12.75 -0.88 2.66
C LEU B 247 -11.91 -0.88 1.38
N ALA B 248 -12.22 -0.01 0.42
CA ALA B 248 -11.52 0.04 -0.86
C ALA B 248 -10.03 0.43 -0.77
N THR B 249 -9.51 0.91 0.35
CA THR B 249 -8.06 1.12 0.48
C THR B 249 -7.28 -0.18 0.68
N HIS B 250 -7.88 -1.22 1.27
CA HIS B 250 -7.22 -2.44 1.76
C HIS B 250 -6.07 -2.22 2.76
N GLU B 251 -5.91 -1.03 3.34
CA GLU B 251 -5.12 -0.88 4.56
C GLU B 251 -5.96 -1.40 5.74
N PRO B 252 -5.49 -2.38 6.51
CA PRO B 252 -6.35 -3.06 7.48
C PRO B 252 -6.65 -2.22 8.72
N HIS B 253 -5.73 -1.37 9.18
CA HIS B 253 -5.86 -0.62 10.44
C HIS B 253 -6.55 0.74 10.30
N PHE B 254 -7.18 1.01 9.16
CA PHE B 254 -7.75 2.31 8.81
C PHE B 254 -8.93 2.70 9.73
N ARG B 255 -9.02 3.98 10.13
CA ARG B 255 -10.10 4.53 10.96
C ARG B 255 -10.77 5.74 10.32
N VAL B 256 -12.07 5.91 10.58
CA VAL B 256 -12.88 7.04 10.10
C VAL B 256 -13.46 7.79 11.29
N LEU B 257 -13.56 9.12 11.20
CA LEU B 257 -13.82 10.00 12.35
C LEU B 257 -14.92 11.02 12.05
N ARG B 258 -15.82 11.28 13.01
CA ARG B 258 -16.93 12.25 12.88
C ARG B 258 -17.53 12.66 14.23
N LYS B 305 -19.43 19.06 21.77
CA LYS B 305 -20.09 17.84 21.26
C LYS B 305 -19.07 16.69 21.04
N PRO B 306 -19.41 15.42 21.36
CA PRO B 306 -18.48 14.30 21.27
C PRO B 306 -18.23 13.78 19.85
N PHE B 307 -17.26 12.89 19.71
CA PHE B 307 -16.82 12.27 18.46
C PHE B 307 -16.79 10.73 18.56
N ILE B 308 -16.93 10.04 17.43
CA ILE B 308 -16.89 8.56 17.35
C ILE B 308 -15.92 8.05 16.27
N TRP B 309 -15.23 6.96 16.58
CA TRP B 309 -14.46 6.15 15.64
C TRP B 309 -15.36 5.14 14.92
N LEU B 310 -15.14 4.96 13.62
CA LEU B 310 -15.50 3.77 12.87
C LEU B 310 -14.21 3.05 12.45
N HIS B 311 -14.09 1.76 12.73
CA HIS B 311 -12.89 0.97 12.39
C HIS B 311 -13.14 0.14 11.14
N VAL B 312 -12.29 0.23 10.12
CA VAL B 312 -12.46 -0.62 8.93
C VAL B 312 -12.20 -2.10 9.26
N SER B 313 -11.27 -2.40 10.16
CA SER B 313 -10.94 -3.77 10.56
C SER B 313 -12.14 -4.54 11.09
N ILE B 314 -13.01 -3.92 11.88
CA ILE B 314 -14.17 -4.60 12.45
C ILE B 314 -15.22 -4.87 11.37
N LEU B 315 -15.39 -3.96 10.41
CA LEU B 315 -16.31 -4.19 9.31
C LEU B 315 -15.84 -5.35 8.42
N ARG B 316 -14.52 -5.50 8.23
CA ARG B 316 -13.97 -6.66 7.51
C ARG B 316 -14.26 -8.00 8.20
N GLU B 317 -14.27 -8.06 9.53
CA GLU B 317 -14.71 -9.28 10.24
C GLU B 317 -16.19 -9.56 10.02
N TYR B 318 -17.06 -8.55 10.08
CA TYR B 318 -18.49 -8.74 9.77
C TYR B 318 -18.67 -9.33 8.35
N LEU B 319 -18.04 -8.74 7.33
CA LEU B 319 -18.18 -9.24 5.97
C LEU B 319 -17.59 -10.64 5.78
N ALA B 320 -16.46 -10.97 6.42
CA ALA B 320 -15.88 -12.30 6.29
C ALA B 320 -16.79 -13.40 6.85
N ALA B 321 -17.58 -13.13 7.89
CA ALA B 321 -18.58 -14.06 8.39
C ALA B 321 -19.81 -14.12 7.49
N GLU B 322 -20.29 -12.97 7.00
CA GLU B 322 -21.56 -12.89 6.27
C GLU B 322 -21.49 -13.36 4.82
N LEU B 323 -20.41 -13.04 4.09
CA LEU B 323 -20.32 -13.29 2.65
C LEU B 323 -19.89 -14.72 2.28
N GLU B 324 -19.42 -15.53 3.23
CA GLU B 324 -18.88 -16.86 2.93
C GLU B 324 -19.92 -17.81 2.32
N VAL B 325 -19.50 -18.61 1.34
CA VAL B 325 -20.27 -19.68 0.71
C VAL B 325 -19.38 -20.93 0.60
N PRO B 326 -19.86 -22.14 0.95
CA PRO B 326 -19.07 -23.36 0.84
C PRO B 326 -18.93 -23.87 -0.60
N ASN B 327 -17.96 -24.76 -0.83
CA ASN B 327 -17.85 -25.61 -2.03
C ASN B 327 -17.81 -24.87 -3.39
N LEU B 328 -17.30 -23.64 -3.42
CA LEU B 328 -17.14 -22.90 -4.66
C LEU B 328 -16.09 -23.54 -5.57
N PRO B 329 -16.26 -23.51 -6.90
CA PRO B 329 -15.35 -24.11 -7.87
C PRO B 329 -14.09 -23.28 -8.15
N PHE B 330 -13.64 -22.46 -7.18
CA PHE B 330 -12.43 -21.64 -7.25
C PHE B 330 -11.95 -21.27 -5.84
N ARG B 331 -10.71 -20.82 -5.70
CA ARG B 331 -10.13 -20.48 -4.40
C ARG B 331 -10.84 -19.26 -3.80
N TRP B 332 -11.42 -19.41 -2.62
CA TRP B 332 -12.05 -18.32 -1.88
C TRP B 332 -11.03 -17.26 -1.48
N ASP B 333 -11.35 -15.99 -1.64
CA ASP B 333 -10.41 -14.88 -1.44
C ASP B 333 -11.12 -13.61 -0.94
N LEU B 334 -11.00 -13.32 0.36
CA LEU B 334 -11.84 -12.34 1.04
C LEU B 334 -11.83 -10.96 0.39
N GLU B 335 -10.69 -10.49 -0.12
CA GLU B 335 -10.62 -9.14 -0.71
C GLU B 335 -11.56 -9.02 -1.91
N ARG B 336 -11.73 -10.08 -2.70
CA ARG B 336 -12.64 -10.06 -3.84
C ARG B 336 -14.09 -10.02 -3.40
N ALA B 337 -14.45 -10.77 -2.36
CA ALA B 337 -15.80 -10.71 -1.80
C ALA B 337 -16.11 -9.31 -1.26
N ILE B 338 -15.16 -8.68 -0.58
CA ILE B 338 -15.34 -7.32 -0.08
C ILE B 338 -15.51 -6.34 -1.24
N ASP B 339 -14.70 -6.41 -2.29
CA ASP B 339 -14.92 -5.55 -3.45
C ASP B 339 -16.28 -5.76 -4.12
N ASP B 340 -16.72 -7.00 -4.27
CA ASP B 340 -18.05 -7.25 -4.79
C ASP B 340 -19.11 -6.62 -3.88
N TRP B 341 -19.00 -6.75 -2.57
CA TRP B 341 -19.96 -6.10 -1.68
C TRP B 341 -19.92 -4.58 -1.79
N VAL B 342 -18.74 -3.99 -1.93
CA VAL B 342 -18.61 -2.55 -2.13
C VAL B 342 -19.31 -2.13 -3.42
N PHE B 343 -19.12 -2.86 -4.53
CA PHE B 343 -19.83 -2.56 -5.76
C PHE B 343 -21.35 -2.67 -5.59
N LEU B 344 -21.84 -3.72 -4.93
CA LEU B 344 -23.27 -3.85 -4.67
C LEU B 344 -23.82 -2.72 -3.79
N CYS B 345 -23.01 -2.09 -2.94
CA CYS B 345 -23.47 -0.88 -2.26
C CYS B 345 -23.60 0.29 -3.22
N PHE B 346 -22.59 0.59 -4.04
CA PHE B 346 -22.68 1.70 -5.00
C PHE B 346 -23.78 1.50 -6.03
N PHE B 347 -24.12 0.25 -6.35
CA PHE B 347 -25.24 -0.08 -7.22
C PHE B 347 -26.59 0.35 -6.61
N VAL B 348 -26.77 0.21 -5.30
CA VAL B 348 -28.01 0.60 -4.64
C VAL B 348 -28.19 2.11 -4.62
N GLY B 349 -27.11 2.87 -4.46
CA GLY B 349 -27.19 4.33 -4.46
C GLY B 349 -25.84 5.02 -4.41
N ASN B 350 -25.70 6.11 -5.15
CA ASN B 350 -24.51 6.95 -5.24
C ASN B 350 -24.90 8.33 -5.78
N ASP B 351 -23.99 9.31 -5.74
CA ASP B 351 -24.31 10.68 -6.17
C ASP B 351 -24.38 10.87 -7.70
N PHE B 352 -23.76 10.00 -8.48
CA PHE B 352 -23.56 10.22 -9.92
C PHE B 352 -24.75 9.80 -10.78
N LEU B 353 -25.53 8.81 -10.34
CA LEU B 353 -26.64 8.20 -11.09
C LEU B 353 -27.94 8.24 -10.27
N PRO B 354 -29.13 8.35 -10.88
CA PRO B 354 -30.38 8.15 -10.16
C PRO B 354 -30.52 6.68 -9.75
N HIS B 355 -31.05 6.40 -8.56
CA HIS B 355 -31.18 5.01 -8.08
C HIS B 355 -32.31 4.25 -8.80
N LEU B 356 -32.14 2.94 -9.00
CA LEU B 356 -33.12 2.09 -9.70
C LEU B 356 -34.49 2.13 -9.02
N PRO B 357 -35.62 2.05 -9.77
CA PRO B 357 -36.96 2.01 -9.18
C PRO B 357 -37.14 0.88 -8.16
N ALA B 358 -36.50 -0.26 -8.39
CA ALA B 358 -36.62 -1.44 -7.55
C ALA B 358 -35.86 -1.38 -6.22
N LEU B 359 -35.01 -0.36 -5.98
CA LEU B 359 -34.10 -0.33 -4.84
C LEU B 359 -34.12 1.00 -4.08
N GLU B 360 -34.27 0.92 -2.77
CA GLU B 360 -33.95 1.98 -1.81
C GLU B 360 -33.23 1.36 -0.62
N ILE B 361 -32.20 2.00 -0.08
CA ILE B 361 -31.41 1.41 1.00
C ILE B 361 -32.24 1.15 2.26
N ARG B 362 -33.30 1.96 2.49
CA ARG B 362 -34.28 1.77 3.57
C ARG B 362 -35.02 0.42 3.51
N GLU B 363 -35.12 -0.18 2.33
CA GLU B 363 -35.79 -1.48 2.11
C GLU B 363 -34.81 -2.66 2.22
N ASN B 364 -33.59 -2.43 2.70
CA ASN B 364 -32.50 -3.42 2.69
C ASN B 364 -32.16 -3.97 1.30
N GLY B 365 -32.17 -3.12 0.27
CA GLY B 365 -31.79 -3.54 -1.08
C GLY B 365 -30.40 -4.19 -1.17
N ILE B 366 -29.48 -3.81 -0.28
CA ILE B 366 -28.15 -4.45 -0.20
C ILE B 366 -28.28 -5.93 0.18
N ASP B 367 -29.21 -6.30 1.06
CA ASP B 367 -29.42 -7.71 1.39
C ASP B 367 -29.98 -8.48 0.20
N THR B 368 -30.92 -7.89 -0.55
CA THR B 368 -31.50 -8.53 -1.73
C THR B 368 -30.43 -8.84 -2.77
N LEU B 369 -29.57 -7.87 -3.08
CA LEU B 369 -28.47 -8.12 -4.00
C LEU B 369 -27.43 -9.09 -3.43
N THR B 370 -27.17 -9.04 -2.12
CA THR B 370 -26.24 -9.98 -1.50
C THR B 370 -26.76 -11.41 -1.64
N ALA B 371 -28.04 -11.65 -1.36
CA ALA B 371 -28.64 -12.97 -1.51
C ALA B 371 -28.51 -13.47 -2.96
N ILE B 372 -28.81 -12.61 -3.94
CA ILE B 372 -28.66 -12.95 -5.36
C ILE B 372 -27.20 -13.30 -5.67
N TRP B 373 -26.24 -12.54 -5.16
CA TRP B 373 -24.81 -12.80 -5.38
C TRP B 373 -24.39 -14.14 -4.77
N LYS B 374 -24.71 -14.42 -3.51
CA LYS B 374 -24.41 -15.71 -2.87
C LYS B 374 -25.04 -16.88 -3.62
N ASP B 375 -26.23 -16.71 -4.19
CA ASP B 375 -26.90 -17.75 -4.97
C ASP B 375 -26.30 -17.97 -6.37
N ASN B 376 -25.60 -16.99 -6.94
CA ASN B 376 -25.00 -17.13 -8.27
C ASN B 376 -23.48 -17.34 -8.24
N LEU B 377 -22.80 -17.01 -7.14
CA LEU B 377 -21.36 -17.20 -7.00
C LEU B 377 -20.90 -18.65 -7.30
N PRO B 378 -21.63 -19.72 -6.96
CA PRO B 378 -21.29 -21.08 -7.36
C PRO B 378 -21.27 -21.35 -8.87
N ILE B 379 -21.90 -20.52 -9.71
CA ILE B 379 -22.06 -20.79 -11.15
C ILE B 379 -21.52 -19.68 -12.07
N MET B 380 -21.23 -18.49 -11.55
CA MET B 380 -20.56 -17.44 -12.32
C MET B 380 -19.10 -17.78 -12.69
N GLY B 381 -18.52 -18.82 -12.07
CA GLY B 381 -17.13 -19.23 -12.26
C GLY B 381 -16.10 -18.28 -11.64
N GLY B 382 -16.54 -17.26 -10.91
CA GLY B 382 -15.68 -16.30 -10.22
C GLY B 382 -16.41 -15.06 -9.73
N TYR B 383 -15.68 -14.16 -9.07
CA TYR B 383 -16.17 -12.91 -8.52
C TYR B 383 -16.62 -11.90 -9.59
N LEU B 384 -17.48 -10.96 -9.21
CA LEU B 384 -18.07 -9.95 -10.09
C LEU B 384 -17.09 -8.82 -10.46
N THR B 385 -16.13 -8.49 -9.59
CA THR B 385 -15.18 -7.39 -9.78
C THR B 385 -13.72 -7.86 -9.73
N LYS B 386 -12.83 -7.17 -10.45
CA LYS B 386 -11.38 -7.44 -10.46
C LYS B 386 -10.60 -6.12 -10.42
N ASP B 387 -10.08 -5.76 -9.25
CA ASP B 387 -9.32 -4.53 -9.01
C ASP B 387 -10.03 -3.27 -9.53
N GLY B 388 -11.33 -3.16 -9.25
CA GLY B 388 -12.16 -2.02 -9.65
C GLY B 388 -12.73 -2.06 -11.07
N HIS B 389 -12.34 -2.99 -11.92
CA HIS B 389 -13.04 -3.26 -13.18
C HIS B 389 -14.17 -4.29 -12.96
N VAL B 390 -15.31 -4.11 -13.63
CA VAL B 390 -16.52 -4.94 -13.45
C VAL B 390 -16.73 -5.91 -14.61
N ASP B 391 -17.00 -7.18 -14.33
CA ASP B 391 -17.28 -8.17 -15.37
C ASP B 391 -18.76 -8.17 -15.79
N LEU B 392 -19.06 -7.55 -16.93
CA LEU B 392 -20.44 -7.38 -17.39
C LEU B 392 -21.16 -8.70 -17.70
N GLU B 393 -20.43 -9.76 -18.07
CA GLU B 393 -21.06 -11.07 -18.26
C GLU B 393 -21.60 -11.62 -16.94
N ARG B 394 -20.84 -11.45 -15.85
CA ARG B 394 -21.29 -11.85 -14.51
C ARG B 394 -22.38 -10.91 -13.98
N ALA B 395 -22.30 -9.62 -14.29
CA ALA B 395 -23.33 -8.67 -13.87
C ALA B 395 -24.73 -9.07 -14.35
N GLN B 396 -24.85 -9.67 -15.54
CA GLN B 396 -26.13 -10.12 -16.08
C GLN B 396 -26.82 -11.12 -15.13
N TYR B 397 -26.08 -12.02 -14.49
CA TYR B 397 -26.68 -12.97 -13.54
C TYR B 397 -27.30 -12.23 -12.37
N ILE B 398 -26.64 -11.21 -11.84
CA ILE B 398 -27.17 -10.42 -10.74
C ILE B 398 -28.45 -9.71 -11.17
N LEU B 399 -28.42 -9.05 -12.33
CA LEU B 399 -29.59 -8.33 -12.83
C LEU B 399 -30.75 -9.26 -13.18
N ASN B 400 -30.51 -10.45 -13.72
CA ASN B 400 -31.56 -11.44 -13.92
C ASN B 400 -32.19 -11.85 -12.57
N GLY B 401 -31.37 -12.11 -11.56
CA GLY B 401 -31.86 -12.46 -10.22
C GLY B 401 -32.70 -11.35 -9.57
N LEU B 402 -32.43 -10.10 -9.92
CA LEU B 402 -33.25 -8.97 -9.51
C LEU B 402 -34.53 -8.88 -10.36
N ALA B 403 -34.42 -9.04 -11.68
CA ALA B 403 -35.53 -8.89 -12.62
C ALA B 403 -36.68 -9.87 -12.32
N LYS B 404 -36.36 -11.09 -11.89
CA LYS B 404 -37.35 -12.09 -11.44
C LYS B 404 -38.16 -11.64 -10.23
N GLN B 405 -37.73 -10.60 -9.52
CA GLN B 405 -38.34 -10.13 -8.27
C GLN B 405 -38.99 -8.75 -8.37
N GLU B 406 -38.72 -7.95 -9.39
CA GLU B 406 -39.20 -6.55 -9.44
C GLU B 406 -40.71 -6.43 -9.19
N ASP B 407 -41.53 -7.21 -9.88
CA ASP B 407 -42.98 -7.17 -9.70
C ASP B 407 -43.41 -7.54 -8.28
N ALA B 408 -42.70 -8.47 -7.64
CA ALA B 408 -42.97 -8.83 -6.25
C ALA B 408 -42.53 -7.69 -5.30
N ILE B 409 -41.39 -7.06 -5.56
CA ILE B 409 -40.87 -5.97 -4.75
C ILE B 409 -41.81 -4.76 -4.83
N PHE B 410 -42.29 -4.40 -6.02
CA PHE B 410 -43.27 -3.32 -6.17
C PHE B 410 -44.56 -3.62 -5.42
N ARG B 411 -45.10 -4.84 -5.52
CA ARG B 411 -46.29 -5.22 -4.76
C ARG B 411 -46.03 -5.14 -3.26
N ARG B 412 -44.90 -5.66 -2.77
CA ARG B 412 -44.52 -5.59 -1.34
C ARG B 412 -44.43 -4.14 -0.85
N ARG B 413 -43.74 -3.27 -1.59
CA ARG B 413 -43.66 -1.84 -1.29
C ARG B 413 -45.04 -1.22 -1.21
N ARG B 414 -45.86 -1.37 -2.26
CA ARG B 414 -47.14 -0.68 -2.28
C ARG B 414 -48.10 -1.20 -1.23
N GLU B 415 -48.13 -2.51 -0.99
CA GLU B 415 -48.92 -3.07 0.11
C GLU B 415 -48.52 -2.43 1.44
N VAL B 416 -47.24 -2.39 1.76
CA VAL B 416 -46.75 -1.79 3.01
C VAL B 416 -47.07 -0.30 3.09
N GLU B 417 -46.84 0.46 2.03
CA GLU B 417 -47.14 1.90 2.00
C GLU B 417 -48.63 2.18 2.13
N GLU B 418 -49.48 1.56 1.32
CA GLU B 418 -50.93 1.79 1.37
C GLU B 418 -51.52 1.30 2.69
N ARG B 419 -51.01 0.20 3.27
CA ARG B 419 -51.37 -0.27 4.61
C ARG B 419 -50.98 0.76 5.68
N ARG B 420 -49.74 1.22 5.69
CA ARG B 420 -49.23 2.19 6.67
C ARG B 420 -49.98 3.51 6.58
N GLU B 421 -50.05 4.09 5.39
CA GLU B 421 -50.64 5.42 5.19
C GLU B 421 -52.17 5.44 5.38
N ALA B 422 -52.86 4.31 5.19
CA ALA B 422 -54.27 4.20 5.57
C ALA B 422 -54.47 4.14 7.11
N ASN B 423 -53.51 3.58 7.85
CA ASN B 423 -53.58 3.48 9.31
C ASN B 423 -53.04 4.73 10.04
N ALA B 424 -52.10 5.45 9.44
CA ALA B 424 -51.53 6.68 9.99
C ALA B 424 -52.60 7.77 10.18
N THR B 571 -49.75 7.79 -9.25
CA THR B 571 -50.28 8.26 -10.54
C THR B 571 -49.76 7.45 -11.72
N VAL B 572 -48.62 6.78 -11.54
CA VAL B 572 -48.04 5.82 -12.49
C VAL B 572 -48.51 4.38 -12.25
N ARG B 573 -48.96 4.08 -11.01
CA ARG B 573 -49.51 2.79 -10.59
C ARG B 573 -48.52 1.61 -10.73
N LEU B 574 -47.39 1.64 -10.01
CA LEU B 574 -46.34 0.60 -10.07
C LEU B 574 -46.79 -0.81 -9.66
N TRP B 575 -47.89 -0.92 -8.91
CA TRP B 575 -48.43 -2.16 -8.36
C TRP B 575 -49.52 -2.81 -9.22
N GLU B 576 -50.02 -2.12 -10.23
CA GLU B 576 -51.01 -2.67 -11.18
C GLU B 576 -50.31 -3.27 -12.41
N GLU B 577 -51.03 -3.98 -13.27
CA GLU B 577 -50.46 -4.48 -14.53
C GLU B 577 -50.12 -3.35 -15.52
N GLY B 578 -49.32 -3.66 -16.54
CA GLY B 578 -48.90 -2.69 -17.57
C GLY B 578 -48.02 -1.55 -17.05
N TYR B 579 -47.51 -1.68 -15.83
CA TYR B 579 -46.92 -0.59 -15.05
C TYR B 579 -45.75 0.10 -15.75
N ALA B 580 -44.95 -0.64 -16.51
CA ALA B 580 -43.78 -0.11 -17.19
C ALA B 580 -44.14 0.77 -18.41
N ASP B 581 -45.27 0.51 -19.07
CA ASP B 581 -45.69 1.32 -20.22
C ASP B 581 -46.12 2.72 -19.78
N ARG B 582 -46.89 2.81 -18.69
CA ARG B 582 -47.27 4.10 -18.09
C ARG B 582 -46.06 4.86 -17.57
N TYR B 583 -45.09 4.16 -16.98
CA TYR B 583 -43.87 4.78 -16.47
C TYR B 583 -43.05 5.43 -17.59
N TYR B 584 -42.75 4.70 -18.66
CA TYR B 584 -42.00 5.27 -19.77
C TYR B 584 -42.77 6.41 -20.47
N GLU B 585 -44.09 6.34 -20.58
CA GLU B 585 -44.89 7.47 -21.08
C GLU B 585 -44.74 8.69 -20.18
N GLN B 586 -45.07 8.57 -18.89
CA GLN B 586 -45.15 9.72 -17.99
C GLN B 586 -43.77 10.36 -17.72
N LYS B 587 -42.71 9.57 -17.55
CA LYS B 587 -41.39 10.08 -17.15
C LYS B 587 -40.45 10.39 -18.31
N PHE B 588 -40.42 9.57 -19.36
CA PHE B 588 -39.50 9.76 -20.49
C PHE B 588 -40.16 10.39 -21.73
N LYS B 589 -41.50 10.53 -21.76
CA LYS B 589 -42.29 11.09 -22.87
C LYS B 589 -42.20 10.32 -24.20
N VAL B 590 -41.59 9.13 -24.21
CA VAL B 590 -41.52 8.24 -25.39
C VAL B 590 -42.84 7.50 -25.63
N ASP B 591 -43.05 7.02 -26.85
CA ASP B 591 -44.07 6.01 -27.14
C ASP B 591 -43.73 4.71 -26.39
N PRO B 592 -44.59 4.20 -25.49
CA PRO B 592 -44.33 2.96 -24.75
C PRO B 592 -43.93 1.75 -25.60
N LYS B 593 -44.38 1.68 -26.85
CA LYS B 593 -44.12 0.54 -27.74
C LYS B 593 -42.67 0.46 -28.24
N ASP B 594 -41.87 1.52 -28.08
CA ASP B 594 -40.43 1.47 -28.36
C ASP B 594 -39.67 0.74 -27.24
N ILE B 595 -39.48 -0.57 -27.41
CA ILE B 595 -38.79 -1.41 -26.44
C ILE B 595 -37.28 -1.14 -26.43
N GLU B 596 -36.66 -0.95 -27.60
CA GLU B 596 -35.21 -0.82 -27.68
C GLU B 596 -34.69 0.46 -27.02
N PHE B 597 -35.50 1.53 -26.97
CA PHE B 597 -35.17 2.69 -26.15
C PHE B 597 -34.93 2.31 -24.68
N ARG B 598 -35.75 1.42 -24.11
CA ARG B 598 -35.58 0.95 -22.73
C ARG B 598 -34.22 0.28 -22.58
N HIS B 599 -33.86 -0.58 -23.52
CA HIS B 599 -32.55 -1.23 -23.52
C HIS B 599 -31.41 -0.23 -23.66
N LYS B 600 -31.57 0.83 -24.47
CA LYS B 600 -30.58 1.90 -24.60
C LYS B 600 -30.34 2.63 -23.28
N VAL B 601 -31.41 2.98 -22.57
CA VAL B 601 -31.29 3.53 -21.21
C VAL B 601 -30.59 2.53 -20.31
N GLY B 602 -30.93 1.25 -20.38
CA GLY B 602 -30.24 0.19 -19.65
C GLY B 602 -28.72 0.17 -19.88
N ARG B 603 -28.29 0.13 -21.14
CA ARG B 603 -26.87 0.17 -21.49
C ARG B 603 -26.20 1.45 -21.00
N ALA B 604 -26.85 2.60 -21.11
CA ALA B 604 -26.30 3.84 -20.59
C ALA B 604 -26.13 3.80 -19.06
N TYR B 605 -27.06 3.19 -18.35
CA TYR B 605 -26.95 3.01 -16.90
C TYR B 605 -25.81 2.05 -16.53
N ALA B 606 -25.66 0.93 -17.24
CA ALA B 606 -24.57 0.00 -17.01
C ALA B 606 -23.21 0.66 -17.24
N GLU B 607 -23.09 1.49 -18.27
CA GLU B 607 -21.88 2.30 -18.47
C GLU B 607 -21.63 3.21 -17.27
N GLY B 608 -22.66 3.81 -16.71
CA GLY B 608 -22.55 4.58 -15.48
C GLY B 608 -22.00 3.76 -14.31
N LEU B 609 -22.53 2.56 -14.07
CA LEU B 609 -22.01 1.71 -13.01
C LEU B 609 -20.54 1.35 -13.22
N ALA B 610 -20.11 1.15 -14.45
CA ALA B 610 -18.70 0.90 -14.75
C ALA B 610 -17.83 2.13 -14.49
N TRP B 611 -18.32 3.35 -14.77
CA TRP B 611 -17.59 4.58 -14.47
C TRP B 611 -17.43 4.77 -12.96
N VAL B 612 -18.50 4.60 -12.18
CA VAL B 612 -18.47 4.82 -10.73
C VAL B 612 -17.46 3.93 -10.04
N LEU B 613 -17.42 2.63 -10.36
CA LEU B 613 -16.47 1.74 -9.70
C LEU B 613 -15.02 2.10 -10.02
N GLN B 614 -14.69 2.38 -11.28
CA GLN B 614 -13.33 2.81 -11.59
C GLN B 614 -12.95 4.11 -10.89
N TYR B 615 -13.86 5.08 -10.78
CA TYR B 615 -13.53 6.34 -10.11
C TYR B 615 -13.11 6.15 -8.65
N TYR B 616 -13.67 5.16 -7.96
CA TYR B 616 -13.30 4.89 -6.58
C TYR B 616 -12.00 4.09 -6.47
N TYR B 617 -11.79 3.07 -7.31
CA TYR B 617 -10.64 2.15 -7.21
C TYR B 617 -9.40 2.54 -8.01
N GLN B 618 -9.49 3.35 -9.06
CA GLN B 618 -8.40 3.59 -10.02
C GLN B 618 -8.27 5.06 -10.47
N GLY B 619 -8.79 6.01 -9.71
CA GLY B 619 -8.76 7.42 -10.07
C GLY B 619 -9.71 7.79 -11.20
N CYS B 620 -9.85 9.08 -11.51
CA CYS B 620 -10.89 9.58 -12.41
C CYS B 620 -10.77 9.03 -13.85
N PRO B 621 -11.70 8.20 -14.35
CA PRO B 621 -11.56 7.53 -15.63
C PRO B 621 -11.94 8.39 -16.84
N SER B 622 -12.80 9.40 -16.64
CA SER B 622 -13.14 10.42 -17.64
C SER B 622 -13.71 11.66 -16.98
N TRP B 623 -13.16 12.82 -17.28
CA TRP B 623 -13.60 14.10 -16.73
C TRP B 623 -14.86 14.66 -17.40
N GLU B 624 -15.25 14.16 -18.57
CA GLU B 624 -16.32 14.73 -19.40
C GLU B 624 -17.57 13.85 -19.55
N TRP B 625 -17.51 12.57 -19.18
CA TRP B 625 -18.68 11.69 -19.23
C TRP B 625 -19.79 12.11 -18.26
N PHE B 626 -21.05 11.87 -18.61
CA PHE B 626 -22.21 12.00 -17.70
C PHE B 626 -23.42 11.17 -18.16
N TYR B 627 -24.36 10.90 -17.26
CA TYR B 627 -25.58 10.15 -17.55
C TYR B 627 -26.74 11.10 -17.94
N PRO B 628 -27.28 11.04 -19.17
CA PRO B 628 -28.09 12.10 -19.76
C PRO B 628 -29.60 12.06 -19.46
N TYR B 629 -30.04 11.41 -18.38
CA TYR B 629 -31.47 11.30 -18.04
C TYR B 629 -31.77 11.63 -16.58
N HIS B 630 -32.96 12.16 -16.30
CA HIS B 630 -33.44 12.46 -14.95
C HIS B 630 -33.97 11.22 -14.18
N TYR B 631 -34.03 10.06 -14.82
CA TYR B 631 -34.68 8.85 -14.30
C TYR B 631 -33.84 7.59 -14.58
N ALA B 632 -34.21 6.46 -13.97
CA ALA B 632 -33.50 5.18 -14.08
C ALA B 632 -34.39 4.09 -14.73
N PRO B 633 -33.81 3.14 -15.47
CA PRO B 633 -34.52 2.03 -16.08
C PRO B 633 -34.91 0.96 -15.05
N PHE B 634 -35.77 -0.01 -15.42
CA PHE B 634 -36.02 -1.22 -14.62
C PHE B 634 -34.95 -2.30 -14.85
N ALA B 635 -34.74 -3.22 -13.91
CA ALA B 635 -33.80 -4.33 -14.12
C ALA B 635 -34.20 -5.18 -15.33
N ALA B 636 -35.50 -5.35 -15.59
CA ALA B 636 -36.00 -6.00 -16.79
C ALA B 636 -35.55 -5.36 -18.12
N ASP B 637 -35.01 -4.14 -18.09
CA ASP B 637 -34.47 -3.46 -19.28
C ASP B 637 -32.99 -3.79 -19.54
N PHE B 638 -32.27 -4.43 -18.62
CA PHE B 638 -30.85 -4.78 -18.80
C PHE B 638 -30.70 -6.11 -19.54
N VAL B 639 -30.58 -6.04 -20.86
CA VAL B 639 -30.52 -7.20 -21.75
C VAL B 639 -29.12 -7.33 -22.37
N ASP B 640 -28.56 -8.54 -22.30
CA ASP B 640 -27.30 -8.93 -22.94
C ASP B 640 -26.10 -8.02 -22.62
N LEU B 641 -25.89 -7.68 -21.34
CA LEU B 641 -24.73 -6.88 -20.93
C LEU B 641 -23.39 -7.48 -21.36
N ALA B 642 -23.30 -8.81 -21.50
CA ALA B 642 -22.12 -9.48 -22.02
C ALA B 642 -21.70 -9.02 -23.42
N LYS B 643 -22.61 -8.42 -24.20
CA LYS B 643 -22.34 -7.90 -25.56
C LYS B 643 -21.80 -6.46 -25.57
N MET B 644 -21.78 -5.75 -24.44
CA MET B 644 -21.34 -4.35 -24.40
C MET B 644 -19.84 -4.17 -24.62
N GLU B 645 -19.47 -3.04 -25.21
CA GLU B 645 -18.12 -2.47 -25.17
C GLU B 645 -18.15 -1.23 -24.26
N ILE B 646 -17.26 -1.16 -23.26
CA ILE B 646 -17.07 0.04 -22.44
C ILE B 646 -15.65 0.57 -22.64
N LYS B 647 -15.55 1.82 -23.12
CA LYS B 647 -14.31 2.58 -23.26
C LYS B 647 -14.58 4.03 -22.86
N PHE B 648 -13.62 4.64 -22.18
CA PHE B 648 -13.70 6.02 -21.70
C PHE B 648 -12.53 6.84 -22.24
N GLU B 649 -12.78 8.11 -22.54
CA GLU B 649 -11.75 9.08 -22.92
C GLU B 649 -11.53 10.07 -21.78
N LYS B 650 -10.26 10.37 -21.47
CA LYS B 650 -9.88 11.16 -20.30
C LYS B 650 -10.49 12.56 -20.31
N GLY B 651 -10.54 13.20 -21.47
CA GLY B 651 -11.09 14.53 -21.70
C GLY B 651 -10.21 15.66 -21.16
N ARG B 652 -10.73 16.89 -21.18
CA ARG B 652 -10.09 18.07 -20.59
C ARG B 652 -10.75 18.41 -19.26
N ILE B 653 -9.96 18.62 -18.21
CA ILE B 653 -10.46 19.13 -16.94
C ILE B 653 -10.87 20.61 -17.12
N SER B 654 -12.08 20.99 -16.71
CA SER B 654 -12.58 22.36 -16.85
C SER B 654 -11.71 23.38 -16.11
N ARG B 655 -11.57 24.60 -16.61
CA ARG B 655 -10.98 25.70 -15.82
C ARG B 655 -11.95 26.15 -14.71
N PRO B 656 -11.48 26.75 -13.61
CA PRO B 656 -12.34 27.23 -12.53
C PRO B 656 -13.53 28.11 -12.97
N PHE B 657 -13.34 29.07 -13.88
CA PHE B 657 -14.50 29.83 -14.39
C PHE B 657 -15.49 28.98 -15.21
N GLU B 658 -15.00 27.98 -15.94
CA GLU B 658 -15.85 27.05 -16.68
C GLU B 658 -16.70 26.21 -15.71
N GLN B 659 -16.18 25.86 -14.53
CA GLN B 659 -17.00 25.30 -13.47
C GLN B 659 -18.01 26.33 -12.98
N LEU B 660 -17.58 27.52 -12.60
CA LEU B 660 -18.47 28.52 -12.00
C LEU B 660 -19.66 28.84 -12.91
N MET B 661 -19.45 29.02 -14.21
CA MET B 661 -20.56 29.23 -15.14
C MET B 661 -21.43 28.00 -15.38
N SER B 662 -20.89 26.80 -15.21
CA SER B 662 -21.69 25.57 -15.32
C SER B 662 -22.63 25.36 -14.13
N VAL B 663 -22.19 25.68 -12.91
CA VAL B 663 -22.90 25.24 -11.68
C VAL B 663 -23.51 26.37 -10.85
N LEU B 664 -23.57 27.59 -11.38
CA LEU B 664 -24.25 28.71 -10.74
C LEU B 664 -25.52 29.14 -11.51
N PRO B 665 -26.66 29.38 -10.83
CA PRO B 665 -27.76 30.14 -11.38
C PRO B 665 -27.44 31.64 -11.38
N ALA B 666 -28.18 32.43 -12.16
CA ALA B 666 -27.90 33.85 -12.37
C ALA B 666 -27.99 34.73 -11.10
N ALA B 667 -28.68 34.26 -10.06
CA ALA B 667 -28.82 34.97 -8.79
C ALA B 667 -27.47 35.22 -8.07
N SER B 668 -26.49 34.33 -8.21
CA SER B 668 -25.22 34.39 -7.48
C SER B 668 -24.06 35.01 -8.29
N ARG B 669 -24.35 35.69 -9.41
CA ARG B 669 -23.33 36.18 -10.36
C ARG B 669 -22.29 37.12 -9.75
N HIS B 670 -22.56 37.76 -8.61
CA HIS B 670 -21.55 38.54 -7.89
C HIS B 670 -20.27 37.75 -7.60
N ALA B 671 -20.34 36.41 -7.52
CA ALA B 671 -19.20 35.53 -7.29
C ALA B 671 -18.25 35.40 -8.49
N ILE B 672 -18.60 35.89 -9.69
CA ILE B 672 -17.83 35.67 -10.93
C ILE B 672 -17.49 37.01 -11.62
N PRO B 673 -16.47 37.07 -12.49
CA PRO B 673 -16.10 38.30 -13.19
C PRO B 673 -17.24 38.89 -14.02
N GLU B 674 -17.32 40.23 -14.05
CA GLU B 674 -18.42 40.96 -14.71
C GLU B 674 -18.58 40.63 -16.18
N VAL B 675 -17.49 40.28 -16.85
CA VAL B 675 -17.48 40.01 -18.30
C VAL B 675 -18.41 38.85 -18.68
N TYR B 676 -18.74 37.97 -17.74
CA TYR B 676 -19.65 36.86 -17.97
C TYR B 676 -21.09 37.12 -17.47
N HIS B 677 -21.36 38.19 -16.72
CA HIS B 677 -22.69 38.42 -16.12
C HIS B 677 -23.81 38.51 -17.15
N ASP B 678 -23.56 39.19 -18.28
CA ASP B 678 -24.56 39.34 -19.34
C ASP B 678 -25.10 38.00 -19.83
N LEU B 679 -24.21 37.00 -19.96
CA LEU B 679 -24.57 35.70 -20.52
C LEU B 679 -25.64 34.98 -19.68
N MET B 680 -25.69 35.25 -18.38
CA MET B 680 -26.63 34.67 -17.45
C MET B 680 -28.02 35.34 -17.45
N THR B 681 -28.18 36.55 -17.99
CA THR B 681 -29.43 37.33 -17.83
C THR B 681 -29.95 38.04 -19.08
N ASP B 682 -29.12 38.31 -20.08
CA ASP B 682 -29.53 38.99 -21.31
C ASP B 682 -30.39 38.06 -22.19
N PRO B 683 -31.64 38.42 -22.54
CA PRO B 683 -32.45 37.66 -23.50
C PRO B 683 -31.75 37.38 -24.84
N ASN B 684 -30.76 38.18 -25.22
CA ASN B 684 -29.96 38.02 -26.43
C ASN B 684 -28.72 37.12 -26.24
N SER B 685 -28.45 36.63 -25.03
CA SER B 685 -27.31 35.75 -24.75
C SER B 685 -27.40 34.45 -25.58
N PRO B 686 -26.28 33.99 -26.17
CA PRO B 686 -26.25 32.79 -26.99
C PRO B 686 -26.45 31.49 -26.19
N ILE B 687 -26.52 31.58 -24.86
CA ILE B 687 -26.65 30.44 -23.94
C ILE B 687 -27.70 30.67 -22.84
N ILE B 688 -28.64 31.60 -23.03
CA ILE B 688 -29.64 31.94 -22.00
C ILE B 688 -30.50 30.75 -21.58
N ASP B 689 -30.70 29.75 -22.45
CA ASP B 689 -31.48 28.54 -22.19
C ASP B 689 -30.88 27.67 -21.07
N PHE B 690 -29.59 27.78 -20.80
CA PHE B 690 -28.98 27.10 -19.65
C PHE B 690 -29.31 27.77 -18.31
N TYR B 691 -29.94 28.94 -18.30
CA TYR B 691 -30.18 29.74 -17.10
C TYR B 691 -31.67 30.10 -16.94
N PRO B 692 -32.55 29.11 -16.73
CA PRO B 692 -33.97 29.36 -16.56
C PRO B 692 -34.25 30.10 -15.25
N GLU B 693 -35.16 31.08 -15.29
CA GLU B 693 -35.60 31.82 -14.11
C GLU B 693 -36.53 31.01 -13.19
N GLU B 694 -37.23 30.02 -13.74
CA GLU B 694 -38.07 29.05 -13.03
C GLU B 694 -37.99 27.69 -13.75
N PHE B 695 -38.09 26.59 -13.01
CA PHE B 695 -38.00 25.23 -13.54
C PHE B 695 -38.91 24.27 -12.75
N GLU B 696 -39.36 23.19 -13.38
CA GLU B 696 -40.24 22.21 -12.75
C GLU B 696 -39.47 21.25 -11.84
N ILE B 697 -40.00 20.97 -10.64
CA ILE B 697 -39.56 19.91 -9.75
C ILE B 697 -40.65 18.83 -9.73
N ASP B 698 -40.30 17.58 -10.02
CA ASP B 698 -41.19 16.44 -9.80
C ASP B 698 -40.89 15.79 -8.45
N LEU B 699 -41.84 15.85 -7.52
CA LEU B 699 -41.71 15.19 -6.21
C LEU B 699 -41.80 13.67 -6.30
N ASN B 700 -42.31 13.11 -7.41
CA ASN B 700 -42.31 11.68 -7.73
C ASN B 700 -42.88 10.78 -6.62
N GLY B 701 -43.93 11.25 -5.93
CA GLY B 701 -44.56 10.56 -4.80
C GLY B 701 -43.79 10.64 -3.48
N LYS B 702 -42.59 11.23 -3.45
CA LYS B 702 -41.85 11.60 -2.24
C LYS B 702 -42.45 12.87 -1.61
N LYS B 703 -42.02 13.24 -0.41
CA LYS B 703 -42.70 14.24 0.43
C LYS B 703 -42.02 15.61 0.49
N MET B 704 -40.78 15.73 0.01
CA MET B 704 -39.97 16.96 0.12
C MET B 704 -39.27 17.31 -1.19
N ALA B 705 -39.07 18.61 -1.45
CA ALA B 705 -38.38 19.09 -2.66
C ALA B 705 -36.90 18.63 -2.75
N TRP B 706 -36.26 18.31 -1.64
CA TRP B 706 -34.92 17.69 -1.62
C TRP B 706 -34.93 16.18 -1.90
N GLN B 707 -36.09 15.52 -1.78
CA GLN B 707 -36.27 14.12 -2.21
C GLN B 707 -36.64 14.01 -3.69
N GLY B 708 -37.39 14.98 -4.23
CA GLY B 708 -37.78 15.05 -5.63
C GLY B 708 -36.64 15.34 -6.61
N VAL B 709 -36.96 15.38 -7.90
CA VAL B 709 -36.01 15.61 -9.00
C VAL B 709 -36.29 16.94 -9.68
N ALA B 710 -35.27 17.78 -9.83
CA ALA B 710 -35.37 19.02 -10.60
C ALA B 710 -35.20 18.74 -12.10
N LEU B 711 -36.18 19.10 -12.92
CA LEU B 711 -36.17 18.88 -14.38
C LEU B 711 -35.39 19.97 -15.13
N LEU B 712 -34.20 20.30 -14.64
CA LEU B 712 -33.30 21.29 -15.23
C LEU B 712 -32.72 20.79 -16.55
N PRO B 713 -32.49 21.65 -17.55
CA PRO B 713 -31.86 21.27 -18.81
C PRO B 713 -30.36 21.00 -18.61
N PHE B 714 -29.81 20.06 -19.37
CA PHE B 714 -28.38 19.73 -19.33
C PHE B 714 -27.54 20.70 -20.17
N ILE B 715 -26.34 21.03 -19.71
CA ILE B 715 -25.39 21.90 -20.42
C ILE B 715 -24.86 21.20 -21.67
N GLU B 716 -25.01 21.82 -22.83
CA GLU B 716 -24.29 21.45 -24.05
C GLU B 716 -22.90 22.10 -24.01
N MET B 717 -21.92 21.39 -23.43
CA MET B 717 -20.64 22.00 -23.01
C MET B 717 -19.93 22.82 -24.09
N PRO B 718 -19.85 22.41 -25.37
CA PRO B 718 -19.23 23.21 -26.43
C PRO B 718 -19.82 24.62 -26.60
N ARG B 719 -21.14 24.79 -26.42
CA ARG B 719 -21.79 26.10 -26.53
C ARG B 719 -21.33 27.04 -25.42
N LEU B 720 -21.26 26.55 -24.18
CA LEU B 720 -20.76 27.32 -23.04
C LEU B 720 -19.28 27.69 -23.22
N LEU B 721 -18.45 26.72 -23.59
CA LEU B 721 -17.03 26.98 -23.82
C LEU B 721 -16.81 27.97 -24.97
N ALA B 722 -17.56 27.90 -26.06
CA ALA B 722 -17.49 28.89 -27.13
C ALA B 722 -17.82 30.30 -26.60
N ALA B 723 -18.92 30.45 -25.87
CA ALA B 723 -19.34 31.74 -25.33
C ALA B 723 -18.33 32.36 -24.33
N MET B 724 -17.52 31.54 -23.65
CA MET B 724 -16.45 32.00 -22.74
C MET B 724 -15.05 32.02 -23.36
N LYS B 725 -14.85 31.44 -24.55
CA LYS B 725 -13.66 31.60 -25.39
C LYS B 725 -13.72 32.92 -26.15
N GLU B 726 -14.90 33.27 -26.66
CA GLU B 726 -15.26 34.68 -26.86
C GLU B 726 -15.25 35.42 -25.51
N ARG B 727 -15.16 36.74 -25.52
CA ARG B 727 -14.80 37.52 -24.31
C ARG B 727 -13.42 37.05 -23.80
N GLU B 728 -13.23 36.85 -22.50
CA GLU B 728 -11.99 36.43 -21.83
C GLU B 728 -10.80 37.42 -21.88
N HIS B 729 -10.50 38.01 -23.03
CA HIS B 729 -9.54 39.12 -23.15
C HIS B 729 -9.97 40.36 -22.36
N LEU B 730 -11.25 40.46 -22.01
CA LEU B 730 -11.84 41.50 -21.17
C LEU B 730 -11.59 41.33 -19.66
N LEU B 731 -11.13 40.16 -19.20
CA LEU B 731 -10.84 39.92 -17.77
C LEU B 731 -9.69 40.79 -17.25
N SER B 732 -9.68 41.11 -15.97
CA SER B 732 -8.51 41.73 -15.32
C SER B 732 -7.32 40.77 -15.25
N GLU B 733 -6.11 41.29 -15.12
CA GLU B 733 -4.91 40.47 -15.01
C GLU B 733 -4.91 39.58 -13.75
N GLU B 734 -5.52 40.05 -12.66
CA GLU B 734 -5.75 39.20 -11.49
C GLU B 734 -6.74 38.06 -11.79
N ASP B 735 -7.89 38.36 -12.41
CA ASP B 735 -8.88 37.32 -12.74
C ASP B 735 -8.28 36.28 -13.68
N ARG B 736 -7.53 36.72 -14.70
CA ARG B 736 -6.84 35.85 -15.65
C ARG B 736 -5.81 34.95 -14.97
N ALA B 737 -5.09 35.48 -13.98
CA ALA B 737 -4.18 34.68 -13.16
C ALA B 737 -4.91 33.68 -12.25
N ARG B 738 -6.05 34.05 -11.66
CA ARG B 738 -6.82 33.20 -10.75
C ARG B 738 -7.39 31.95 -11.43
N ASN B 739 -7.55 31.96 -12.75
CA ASN B 739 -8.09 30.87 -13.55
C ASN B 739 -7.03 29.80 -13.94
N GLU B 740 -5.77 29.94 -13.51
CA GLU B 740 -4.71 28.95 -13.75
C GLU B 740 -4.75 27.77 -12.75
N PRO B 741 -4.29 26.57 -13.14
CA PRO B 741 -4.19 25.42 -12.23
C PRO B 741 -3.05 25.59 -11.20
N GLY B 742 -3.23 25.03 -10.02
CA GLY B 742 -2.31 25.16 -8.88
C GLY B 742 -1.30 24.02 -8.71
N PHE B 743 -0.79 23.87 -7.48
CA PHE B 743 0.18 22.84 -7.09
C PHE B 743 0.01 22.48 -5.61
N ASP B 744 0.31 21.24 -5.21
CA ASP B 744 0.38 20.86 -3.79
C ASP B 744 1.69 21.33 -3.15
N VAL B 745 1.67 21.61 -1.84
CA VAL B 745 2.86 21.98 -1.08
C VAL B 745 3.05 21.14 0.16
N LEU B 746 4.31 20.87 0.50
CA LEU B 746 4.74 20.28 1.75
C LEU B 746 5.46 21.35 2.57
N LEU B 747 5.04 21.52 3.83
CA LEU B 747 5.70 22.39 4.81
C LEU B 747 6.24 21.54 5.96
N ILE B 748 7.41 21.90 6.47
CA ILE B 748 8.08 21.23 7.61
C ILE B 748 8.73 22.26 8.55
N SER B 749 9.01 21.86 9.79
CA SER B 749 9.71 22.66 10.79
C SER B 749 11.22 22.40 10.78
N ASP B 750 12.04 23.40 11.15
CA ASP B 750 13.50 23.27 11.18
C ASP B 750 14.03 22.15 12.11
N ALA B 751 13.18 21.61 12.98
CA ALA B 751 13.52 20.49 13.85
C ALA B 751 13.56 19.12 13.17
N HIS B 752 13.03 18.95 11.95
CA HIS B 752 12.83 17.61 11.39
C HIS B 752 14.16 16.85 11.20
N PRO B 753 14.31 15.63 11.76
CA PRO B 753 15.58 14.91 11.86
C PRO B 753 16.01 14.21 10.56
N GLY B 754 16.16 14.97 9.48
CA GLY B 754 16.75 14.49 8.23
C GLY B 754 16.24 15.24 7.01
N LEU B 755 14.93 15.42 6.89
CA LEU B 755 14.37 16.03 5.70
C LEU B 755 14.68 17.54 5.64
N TYR B 756 14.73 18.23 6.77
CA TYR B 756 15.11 19.65 6.76
C TYR B 756 16.58 19.86 6.38
N GLU B 757 17.46 18.96 6.83
CA GLU B 757 18.86 18.95 6.37
C GLU B 757 18.91 18.79 4.85
N ASP B 758 18.15 17.84 4.32
CA ASP B 758 18.12 17.56 2.89
C ASP B 758 17.58 18.77 2.10
N ILE B 759 16.40 19.30 2.43
CA ILE B 759 15.82 20.42 1.67
C ILE B 759 16.71 21.65 1.74
N THR B 760 17.26 22.00 2.91
CA THR B 760 18.16 23.16 3.00
C THR B 760 19.44 22.94 2.21
N SER B 761 20.08 21.77 2.35
CA SER B 761 21.34 21.51 1.65
C SER B 761 21.16 21.41 0.13
N HIS B 762 20.07 20.80 -0.34
CA HIS B 762 19.88 20.52 -1.77
C HIS B 762 19.36 21.73 -2.56
N PHE B 763 18.45 22.52 -1.99
CA PHE B 763 17.83 23.67 -2.67
C PHE B 763 18.40 25.04 -2.28
N TYR B 764 19.03 25.20 -1.11
CA TYR B 764 19.38 26.52 -0.55
C TYR B 764 20.82 26.69 -0.07
N SER B 765 21.67 25.65 -0.10
CA SER B 765 23.12 25.85 0.05
C SER B 765 23.71 26.55 -1.18
N LYS B 766 24.96 27.03 -1.09
CA LYS B 766 25.67 27.64 -2.23
C LYS B 766 25.92 26.66 -3.37
N LYS B 767 26.03 25.35 -3.08
CA LYS B 767 26.14 24.26 -4.08
C LYS B 767 24.76 23.87 -4.61
N GLN B 768 24.07 24.81 -5.27
CA GLN B 768 22.69 24.66 -5.72
C GLN B 768 22.50 23.45 -6.65
N GLY B 769 21.66 22.49 -6.25
CA GLY B 769 21.30 21.33 -7.06
C GLY B 769 20.15 21.60 -8.03
N ALA B 770 19.67 20.54 -8.68
CA ALA B 770 18.47 20.60 -9.51
C ALA B 770 17.23 20.96 -8.66
N PRO B 771 16.26 21.71 -9.22
CA PRO B 771 15.10 22.21 -8.47
C PRO B 771 14.05 21.14 -8.13
N LYS B 772 14.21 19.90 -8.59
CA LYS B 772 13.38 18.74 -8.23
C LYS B 772 14.21 17.71 -7.48
N PHE B 773 13.63 17.10 -6.47
CA PHE B 773 14.31 16.20 -5.54
C PHE B 773 13.42 15.00 -5.21
N LYS B 774 14.01 13.82 -4.98
CA LYS B 774 13.30 12.57 -4.67
C LYS B 774 13.43 12.28 -3.18
N LEU B 775 12.33 12.04 -2.49
CA LEU B 775 12.36 11.70 -1.07
C LEU B 775 12.95 10.31 -0.85
N ASN B 776 13.66 10.10 0.25
CA ASN B 776 14.15 8.80 0.65
C ASN B 776 13.34 8.28 1.87
N PRO B 777 12.64 7.15 1.77
CA PRO B 777 11.77 6.66 2.84
C PRO B 777 12.43 6.41 4.19
N ARG B 778 13.74 6.15 4.26
CA ARG B 778 14.47 6.02 5.53
C ARG B 778 14.73 7.36 6.20
N ARG B 779 14.85 8.45 5.42
CA ARG B 779 15.04 9.83 5.93
C ARG B 779 13.75 10.65 6.04
N SER B 780 12.69 10.31 5.32
CA SER B 780 11.43 11.06 5.32
C SER B 780 10.36 10.50 6.29
N ASP B 781 10.67 9.48 7.07
CA ASP B 781 9.70 8.68 7.85
C ASP B 781 8.60 8.05 6.97
N GLY B 782 8.96 7.58 5.78
CA GLY B 782 8.05 6.82 4.92
C GLY B 782 7.11 7.63 4.03
N LEU B 783 7.12 8.97 4.09
CA LEU B 783 6.53 9.76 3.02
C LEU B 783 7.35 9.58 1.74
N ALA B 784 6.78 8.97 0.71
CA ALA B 784 7.45 8.72 -0.56
C ALA B 784 6.84 9.56 -1.67
N GLY B 785 7.70 10.14 -2.51
CA GLY B 785 7.32 11.07 -3.57
C GLY B 785 8.49 11.94 -3.97
N LYS B 786 8.21 13.08 -4.60
CA LYS B 786 9.20 14.08 -5.02
C LYS B 786 8.80 15.46 -4.52
N VAL B 787 9.75 16.38 -4.42
CA VAL B 787 9.50 17.78 -4.03
C VAL B 787 10.20 18.74 -4.97
N GLU B 788 9.70 19.96 -5.06
CA GLU B 788 10.16 20.97 -6.00
C GLU B 788 10.35 22.32 -5.32
N LYS B 789 11.41 23.03 -5.68
CA LYS B 789 11.71 24.39 -5.19
C LYS B 789 10.72 25.40 -5.75
N ILE B 790 10.21 26.29 -4.92
CA ILE B 790 9.26 27.35 -5.30
C ILE B 790 10.02 28.61 -5.71
N GLU B 791 9.66 29.21 -6.85
CA GLU B 791 10.26 30.45 -7.33
C GLU B 791 9.88 31.66 -6.46
N GLY B 792 10.80 32.59 -6.24
CA GLY B 792 10.55 33.89 -5.58
C GLY B 792 10.35 33.85 -4.07
N TYR B 793 10.09 32.67 -3.49
CA TYR B 793 10.06 32.43 -2.06
C TYR B 793 11.47 32.53 -1.44
N VAL B 794 11.58 33.16 -0.28
CA VAL B 794 12.85 33.23 0.47
C VAL B 794 12.66 32.56 1.85
N PRO B 795 13.43 31.52 2.19
CA PRO B 795 13.30 30.85 3.49
C PRO B 795 13.51 31.77 4.67
N HIS B 796 12.84 31.49 5.79
CA HIS B 796 13.14 32.06 7.09
C HIS B 796 13.12 33.60 7.17
N GLY B 797 12.29 34.27 6.36
CA GLY B 797 11.86 35.64 6.61
C GLY B 797 10.84 35.73 7.75
N SER B 798 10.24 36.89 7.97
CA SER B 798 9.14 37.02 8.94
C SER B 798 7.84 36.43 8.39
N LEU B 799 7.10 35.68 9.21
CA LEU B 799 5.75 35.21 8.93
C LEU B 799 4.74 36.31 9.27
N VAL B 800 3.95 36.74 8.30
CA VAL B 800 3.00 37.85 8.44
C VAL B 800 1.56 37.36 8.33
N TYR B 801 0.70 37.68 9.30
CA TYR B 801 -0.73 37.37 9.21
C TYR B 801 -1.42 38.22 8.12
N PRO B 802 -2.17 37.62 7.18
CA PRO B 802 -2.54 38.31 5.93
C PRO B 802 -3.75 39.26 6.04
N LEU B 803 -4.60 39.14 7.04
CA LEU B 803 -5.87 39.86 7.08
C LEU B 803 -5.83 41.16 7.90
N ALA B 804 -6.82 42.01 7.73
CA ALA B 804 -6.75 43.45 8.06
C ALA B 804 -6.55 43.81 9.54
N ARG B 805 -7.23 43.14 10.48
CA ARG B 805 -7.31 43.55 11.90
C ARG B 805 -6.25 42.94 12.83
N ASN B 806 -5.28 42.17 12.31
CA ASN B 806 -4.18 41.58 13.08
C ASN B 806 -4.65 40.75 14.31
N SER B 807 -5.75 40.00 14.14
CA SER B 807 -6.35 39.17 15.20
C SER B 807 -5.52 37.93 15.59
N MET B 808 -4.34 37.74 14.98
CA MET B 808 -3.40 36.63 15.17
C MET B 808 -1.96 37.17 15.08
N PRO B 809 -0.97 36.51 15.69
CA PRO B 809 0.39 37.03 15.80
C PRO B 809 1.20 36.89 14.50
N ASP B 810 2.12 37.83 14.28
CA ASP B 810 3.26 37.67 13.35
C ASP B 810 4.43 36.94 14.05
N VAL B 811 5.38 36.40 13.29
CA VAL B 811 6.64 35.85 13.83
C VAL B 811 7.84 36.40 13.08
N ASP B 812 8.82 36.95 13.80
CA ASP B 812 9.94 37.70 13.21
C ASP B 812 10.91 36.85 12.39
N TYR B 813 10.99 35.55 12.67
CA TYR B 813 11.88 34.61 12.01
C TYR B 813 11.16 33.25 11.88
N ASP B 814 10.61 32.97 10.72
CA ASP B 814 9.83 31.77 10.46
C ASP B 814 10.71 30.50 10.43
N ARG B 815 10.55 29.63 11.42
CA ARG B 815 11.23 28.34 11.52
C ARG B 815 10.78 27.30 10.48
N SER B 816 9.65 27.51 9.81
CA SER B 816 9.17 26.58 8.80
C SER B 816 9.85 26.81 7.44
N ILE B 817 9.71 25.86 6.52
CA ILE B 817 10.12 25.98 5.12
C ILE B 817 9.08 25.30 4.22
N THR B 818 8.96 25.74 2.97
CA THR B 818 7.91 25.28 2.03
C THR B 818 8.51 24.75 0.73
N VAL B 819 7.98 23.65 0.22
CA VAL B 819 8.31 23.14 -1.12
C VAL B 819 7.04 22.65 -1.81
N ARG B 820 7.05 22.67 -3.14
CA ARG B 820 6.02 21.95 -3.90
C ARG B 820 6.21 20.47 -3.71
N TYR B 821 5.11 19.74 -3.77
CA TYR B 821 5.08 18.31 -3.51
C TYR B 821 4.43 17.54 -4.66
N ILE B 822 4.98 16.38 -5.01
CA ILE B 822 4.55 15.56 -6.14
C ILE B 822 4.41 14.11 -5.69
N MET B 823 3.26 13.50 -5.93
CA MET B 823 3.00 12.10 -5.58
C MET B 823 3.73 11.13 -6.53
N PRO B 824 4.08 9.92 -6.08
CA PRO B 824 4.54 8.87 -6.98
C PRO B 824 3.34 8.39 -7.82
N SER B 825 3.39 8.61 -9.13
CA SER B 825 2.25 8.45 -10.03
C SER B 825 1.80 7.00 -10.22
N SER B 826 0.50 6.74 -10.07
CA SER B 826 -0.11 5.42 -10.32
C SER B 826 -0.29 5.14 -11.81
N ALA B 827 0.81 4.89 -12.52
CA ALA B 827 0.80 4.46 -13.91
C ALA B 827 0.22 3.03 -14.08
N HIS B 828 0.47 2.16 -13.10
CA HIS B 828 -0.19 0.86 -12.96
C HIS B 828 -1.64 1.00 -12.46
N GLN B 829 -2.42 -0.07 -12.58
CA GLN B 829 -3.53 -0.30 -11.68
C GLN B 829 -3.03 -0.41 -10.23
N HIS B 830 -3.78 0.12 -9.28
CA HIS B 830 -3.72 -0.35 -7.91
C HIS B 830 -4.34 -1.76 -7.80
N LYS B 831 -4.03 -2.53 -6.77
CA LYS B 831 -4.53 -3.91 -6.59
C LYS B 831 -5.22 -4.12 -5.25
N SER B 832 -6.34 -4.80 -5.24
CA SER B 832 -7.09 -5.16 -4.03
C SER B 832 -6.49 -6.37 -3.32
N MET B 833 -5.38 -6.19 -2.61
CA MET B 833 -4.68 -7.25 -1.86
C MET B 833 -4.10 -6.72 -0.54
N LEU B 834 -3.94 -7.58 0.45
CA LEU B 834 -3.12 -7.28 1.62
C LEU B 834 -1.64 -7.26 1.23
N LEU B 835 -0.86 -6.32 1.77
CA LEU B 835 0.58 -6.32 1.57
C LEU B 835 1.26 -7.44 2.34
N ARG B 836 2.41 -7.90 1.85
CA ARG B 836 3.30 -8.75 2.64
C ARG B 836 3.67 -8.04 3.93
N GLY B 837 3.68 -8.76 5.05
CA GLY B 837 4.00 -8.20 6.37
C GLY B 837 2.84 -7.54 7.10
N VAL B 838 1.64 -7.51 6.52
CA VAL B 838 0.42 -7.15 7.27
C VAL B 838 0.27 -8.07 8.49
N LYS B 839 -0.03 -7.49 9.65
CA LYS B 839 -0.39 -8.22 10.87
C LYS B 839 -1.74 -7.75 11.35
N LEU B 840 -2.80 -8.43 10.91
CA LEU B 840 -4.18 -8.08 11.23
C LEU B 840 -4.43 -8.09 12.74
N PRO B 841 -5.30 -7.23 13.26
CA PRO B 841 -5.62 -7.20 14.68
C PRO B 841 -6.38 -8.48 15.09
N PRO B 842 -6.37 -8.85 16.38
CA PRO B 842 -7.09 -10.03 16.87
C PRO B 842 -8.61 -9.83 16.76
N PRO B 843 -9.40 -10.92 16.68
CA PRO B 843 -10.84 -10.86 16.49
C PRO B 843 -11.56 -9.92 17.47
N ALA B 844 -12.27 -8.93 16.94
CA ALA B 844 -13.19 -8.11 17.70
C ALA B 844 -14.55 -8.81 17.89
N LEU B 845 -14.98 -9.59 16.90
CA LEU B 845 -16.20 -10.42 16.98
C LEU B 845 -15.94 -11.72 17.75
N SER B 846 -16.86 -12.09 18.64
CA SER B 846 -16.84 -13.38 19.35
C SER B 846 -17.34 -14.53 18.46
N ARG B 847 -17.10 -15.77 18.88
CA ARG B 847 -17.70 -16.98 18.27
C ARG B 847 -19.21 -16.86 18.15
N SER B 848 -19.86 -16.38 19.21
CA SER B 848 -21.30 -16.09 19.24
C SER B 848 -21.71 -15.03 18.24
N ASP B 849 -20.98 -13.92 18.08
CA ASP B 849 -21.32 -12.91 17.07
C ASP B 849 -21.24 -13.46 15.64
N ILE B 850 -20.22 -14.27 15.36
CA ILE B 850 -20.02 -14.94 14.08
C ILE B 850 -21.16 -15.93 13.79
N GLU B 851 -21.54 -16.77 14.76
CA GLU B 851 -22.65 -17.71 14.60
C GLU B 851 -24.01 -17.00 14.51
N ILE B 852 -24.21 -15.89 15.23
CA ILE B 852 -25.41 -15.04 15.10
C ILE B 852 -25.50 -14.48 13.69
N ILE B 853 -24.45 -13.82 13.17
CA ILE B 853 -24.56 -13.19 11.85
C ILE B 853 -24.67 -14.23 10.72
N ARG B 854 -23.98 -15.38 10.84
CA ARG B 854 -24.18 -16.52 9.92
C ARG B 854 -25.63 -17.04 9.94
N SER B 855 -26.26 -17.08 11.11
CA SER B 855 -27.67 -17.48 11.24
C SER B 855 -28.63 -16.43 10.65
N LYS B 856 -28.42 -15.14 10.95
CA LYS B 856 -29.21 -14.03 10.38
C LYS B 856 -29.13 -13.96 8.85
MG MG C . 15.73 -20.67 1.24
#